data_6GNQ
#
_entry.id   6GNQ
#
_cell.length_a   47.662
_cell.length_b   70.361
_cell.length_c   84.748
_cell.angle_alpha   90.00
_cell.angle_beta   105.21
_cell.angle_gamma   90.00
#
_symmetry.space_group_name_H-M   'P 1 21 1'
#
loop_
_entity.id
_entity.type
_entity.pdbx_description
1 polymer Insulin
2 polymer Insulin
3 non-polymer M-CRESOL
4 non-polymer 1,2-ETHANEDIOL
5 non-polymer 'ZINC ION'
6 non-polymer isothiocyanate
7 water water
#
loop_
_entity_poly.entity_id
_entity_poly.type
_entity_poly.pdbx_seq_one_letter_code
_entity_poly.pdbx_strand_id
1 'polypeptide(L)' GIVEQCCTSICSLYQLENYCN A,C,E,G,I,K,M,O,Q,S,U,W
2 'polypeptide(L)' FVNQHLCGSHLVEALYLVCGERGFFYTPKT B,D,F,H,J,L,N,P,R,T,V,X
#
loop_
_chem_comp.id
_chem_comp.type
_chem_comp.name
_chem_comp.formula
CRS non-polymer M-CRESOL 'C7 H8 O'
EDO non-polymer 1,2-ETHANEDIOL 'C2 H6 O2'
IS8 non-polymer isothiocyanate 'C H N S'
ZN non-polymer 'ZINC ION' 'Zn 2'
#
# COMPACT_ATOMS: atom_id res chain seq x y z
N GLY A 1 -37.04 13.76 4.95
CA GLY A 1 -36.33 12.44 4.97
C GLY A 1 -35.23 12.40 6.00
N ILE A 2 -34.08 11.85 5.61
CA ILE A 2 -32.94 11.69 6.53
C ILE A 2 -32.38 13.03 7.02
N VAL A 3 -32.36 14.03 6.14
CA VAL A 3 -31.84 15.34 6.51
C VAL A 3 -32.71 15.95 7.62
N GLU A 4 -34.02 15.99 7.39
CA GLU A 4 -34.96 16.57 8.38
C GLU A 4 -34.96 15.80 9.70
N GLN A 5 -34.74 14.50 9.63
CA GLN A 5 -34.78 13.65 10.81
C GLN A 5 -33.49 13.71 11.63
N CYS A 6 -32.35 13.79 10.95
CA CYS A 6 -31.04 13.65 11.61
C CYS A 6 -30.15 14.90 11.64
N CYS A 7 -30.52 15.96 10.93
CA CYS A 7 -29.79 17.24 10.99
C CYS A 7 -30.44 18.27 11.91
N THR A 8 -31.63 17.95 12.40
CA THR A 8 -32.32 18.78 13.39
C THR A 8 -31.91 18.35 14.80
N SER A 9 -31.93 17.04 15.03
CA SER A 9 -31.43 16.44 16.27
C SER A 9 -30.56 15.23 15.94
N ILE A 10 -29.77 14.78 16.92
CA ILE A 10 -28.78 13.72 16.69
C ILE A 10 -29.46 12.35 16.53
N CYS A 11 -29.09 11.64 15.46
CA CYS A 11 -29.50 10.25 15.26
C CYS A 11 -28.35 9.34 15.69
N SER A 12 -28.68 8.29 16.44
CA SER A 12 -27.68 7.27 16.75
C SER A 12 -27.36 6.44 15.50
N LEU A 13 -26.31 5.63 15.59
CA LEU A 13 -25.90 4.76 14.49
C LEU A 13 -26.94 3.66 14.26
N TYR A 14 -27.59 3.23 15.34
CA TYR A 14 -28.64 2.21 15.28
C TYR A 14 -29.79 2.68 14.41
N GLN A 15 -30.20 3.94 14.64
CA GLN A 15 -31.22 4.60 13.84
C GLN A 15 -30.80 4.77 12.38
N LEU A 16 -29.54 5.17 12.16
CA LEU A 16 -29.03 5.36 10.80
C LEU A 16 -28.96 4.06 10.01
N GLU A 17 -28.77 2.95 10.71
CA GLU A 17 -28.70 1.64 10.08
C GLU A 17 -29.98 1.27 9.30
N ASN A 18 -31.11 1.87 9.68
CA ASN A 18 -32.38 1.71 8.96
C ASN A 18 -32.36 2.25 7.52
N TYR A 19 -31.40 3.12 7.20
CA TYR A 19 -31.23 3.63 5.85
C TYR A 19 -30.29 2.80 4.98
N CYS A 20 -29.71 1.72 5.53
CA CYS A 20 -28.91 0.81 4.72
C CYS A 20 -29.85 -0.01 3.85
N ASN A 21 -29.37 -0.45 2.69
CA ASN A 21 -30.18 -1.34 1.84
C ASN A 21 -29.75 -2.79 2.05
N PHE B 1 -29.30 25.40 1.61
CA PHE B 1 -28.60 25.99 2.78
C PHE B 1 -27.34 25.20 3.11
N VAL B 2 -26.28 25.92 3.50
CA VAL B 2 -24.96 25.31 3.70
C VAL B 2 -24.91 24.46 4.97
N ASN B 3 -25.65 24.84 6.01
CA ASN B 3 -25.70 24.08 7.26
C ASN B 3 -26.26 22.66 7.03
N GLN B 4 -27.22 22.53 6.14
CA GLN B 4 -27.73 21.22 5.73
C GLN B 4 -26.70 20.46 4.89
N HIS B 5 -26.01 21.17 3.99
CA HIS B 5 -24.92 20.59 3.19
C HIS B 5 -23.86 19.98 4.10
N LEU B 6 -23.48 20.73 5.13
CA LEU B 6 -22.44 20.31 6.06
C LEU B 6 -22.88 19.12 6.90
N CYS B 7 -24.13 19.12 7.35
CA CYS B 7 -24.63 18.01 8.14
C CYS B 7 -24.67 16.74 7.30
N GLY B 8 -25.15 16.88 6.06
CA GLY B 8 -25.21 15.77 5.11
C GLY B 8 -23.85 15.11 4.89
N SER B 9 -22.82 15.94 4.77
CA SER B 9 -21.44 15.49 4.62
C SER B 9 -21.09 14.47 5.72
N HIS B 10 -21.43 14.80 6.96
CA HIS B 10 -21.16 13.91 8.08
C HIS B 10 -22.09 12.71 8.10
N LEU B 11 -23.36 12.92 7.73
CA LEU B 11 -24.34 11.83 7.66
C LEU B 11 -23.87 10.69 6.76
N VAL B 12 -23.36 11.02 5.59
CA VAL B 12 -22.99 9.97 4.62
C VAL B 12 -21.77 9.17 5.07
N GLU B 13 -20.88 9.79 5.83
CA GLU B 13 -19.78 9.08 6.47
C GLU B 13 -20.28 8.12 7.52
N ALA B 14 -21.28 8.56 8.30
CA ALA B 14 -21.90 7.73 9.31
C ALA B 14 -22.59 6.53 8.68
N LEU B 15 -23.31 6.77 7.59
CA LEU B 15 -23.97 5.71 6.83
C LEU B 15 -22.96 4.73 6.25
N TYR B 16 -21.87 5.26 5.71
CA TYR B 16 -20.82 4.41 5.15
C TYR B 16 -20.31 3.42 6.19
N LEU B 17 -20.00 3.93 7.37
CA LEU B 17 -19.50 3.11 8.47
C LEU B 17 -20.52 2.04 8.91
N VAL B 18 -21.75 2.45 9.18
CA VAL B 18 -22.72 1.51 9.75
C VAL B 18 -23.21 0.48 8.72
N CYS B 19 -23.33 0.88 7.46
CA CYS B 19 -23.89 0.02 6.43
C CYS B 19 -22.86 -0.99 5.93
N GLY B 20 -21.60 -0.58 5.87
CA GLY B 20 -20.51 -1.46 5.43
C GLY B 20 -20.78 -2.09 4.07
N GLU B 21 -20.47 -3.38 3.98
CA GLU B 21 -20.68 -4.21 2.78
C GLU B 21 -22.01 -3.97 2.08
N ARG B 22 -23.05 -3.67 2.86
CA ARG B 22 -24.39 -3.56 2.32
C ARG B 22 -24.61 -2.32 1.48
N GLY B 23 -23.92 -1.24 1.81
CA GLY B 23 -24.07 0.03 1.10
C GLY B 23 -25.36 0.74 1.46
N PHE B 24 -25.63 1.84 0.76
CA PHE B 24 -26.79 2.67 1.01
C PHE B 24 -27.10 3.58 -0.16
N PHE B 25 -28.32 4.07 -0.19
CA PHE B 25 -28.73 5.13 -1.09
C PHE B 25 -28.78 6.42 -0.29
N TYR B 26 -28.43 7.53 -0.93
CA TYR B 26 -28.55 8.82 -0.28
C TYR B 26 -29.21 9.81 -1.22
N THR B 27 -30.40 10.26 -0.85
CA THR B 27 -31.13 11.27 -1.60
C THR B 27 -31.64 12.32 -0.62
N PRO B 28 -31.06 13.53 -0.64
CA PRO B 28 -31.46 14.60 0.28
C PRO B 28 -32.88 15.12 0.03
N LYS B 29 -33.38 14.98 -1.20
CA LYS B 29 -34.76 15.35 -1.53
C LYS B 29 -35.75 14.55 -0.67
N THR B 30 -35.75 13.23 -0.85
CA THR B 30 -36.70 12.35 -0.17
C THR B 30 -35.99 11.08 0.32
N GLY C 1 7.99 17.98 -3.21
CA GLY C 1 6.64 18.51 -2.87
C GLY C 1 6.10 17.96 -1.56
N ILE C 2 5.05 18.60 -1.06
CA ILE C 2 4.41 18.17 0.18
C ILE C 2 3.98 16.70 0.13
N VAL C 3 3.54 16.24 -1.03
CA VAL C 3 3.13 14.83 -1.19
C VAL C 3 4.36 13.93 -1.08
N GLU C 4 5.44 14.31 -1.76
CA GLU C 4 6.68 13.53 -1.76
C GLU C 4 7.29 13.43 -0.36
N GLN C 5 7.18 14.49 0.44
CA GLN C 5 7.73 14.50 1.79
C GLN C 5 6.83 13.75 2.77
N CYS C 6 5.55 14.13 2.81
CA CYS C 6 4.67 13.75 3.92
C CYS C 6 3.78 12.53 3.67
N CYS C 7 3.74 12.04 2.43
CA CYS C 7 3.02 10.81 2.12
C CYS C 7 3.92 9.59 2.03
N THR C 8 5.24 9.80 2.13
CA THR C 8 6.21 8.71 2.15
C THR C 8 6.64 8.43 3.59
N SER C 9 6.98 9.50 4.31
CA SER C 9 7.23 9.42 5.75
C SER C 9 6.27 10.37 6.46
N ILE C 10 6.17 10.26 7.78
CA ILE C 10 5.26 11.10 8.56
C ILE C 10 5.94 12.41 8.93
N CYS C 11 5.39 13.53 8.44
CA CYS C 11 5.87 14.85 8.79
C CYS C 11 5.37 15.28 10.17
N SER C 12 6.17 16.11 10.86
CA SER C 12 5.70 16.79 12.07
C SER C 12 4.84 17.97 11.66
N LEU C 13 4.14 18.55 12.63
CA LEU C 13 3.30 19.71 12.37
C LEU C 13 4.15 20.95 12.06
N TYR C 14 5.33 21.03 12.68
CA TYR C 14 6.29 22.08 12.36
C TYR C 14 6.72 21.99 10.89
N GLN C 15 6.98 20.77 10.42
CA GLN C 15 7.29 20.54 9.00
C GLN C 15 6.11 20.95 8.10
N LEU C 16 4.89 20.61 8.51
CA LEU C 16 3.68 20.99 7.77
C LEU C 16 3.49 22.50 7.73
N GLU C 17 3.89 23.17 8.82
CA GLU C 17 3.86 24.63 8.92
C GLU C 17 4.65 25.35 7.81
N ASN C 18 5.62 24.66 7.22
CA ASN C 18 6.39 25.21 6.10
C ASN C 18 5.52 25.48 4.87
N TYR C 19 4.35 24.85 4.80
CA TYR C 19 3.44 25.06 3.66
C TYR C 19 2.37 26.11 3.94
N CYS C 20 2.38 26.71 5.13
CA CYS C 20 1.47 27.80 5.45
C CYS C 20 1.91 29.09 4.77
N ASN C 21 0.98 30.05 4.70
CA ASN C 21 1.27 31.37 4.17
C ASN C 21 1.63 32.32 5.31
N PHE D 1 -1.44 7.38 -8.26
CA PHE D 1 -2.31 6.25 -7.81
C PHE D 1 -3.09 6.57 -6.54
N VAL D 2 -3.90 5.61 -6.10
CA VAL D 2 -4.96 5.85 -5.11
C VAL D 2 -4.47 6.44 -3.78
N ASN D 3 -3.60 5.74 -3.07
CA ASN D 3 -3.21 6.19 -1.72
C ASN D 3 -2.47 7.55 -1.70
N GLN D 4 -1.76 7.91 -2.78
CA GLN D 4 -1.24 9.27 -2.95
C GLN D 4 -2.38 10.28 -2.95
N HIS D 5 -3.39 9.98 -3.76
CA HIS D 5 -4.59 10.80 -3.81
C HIS D 5 -5.28 10.87 -2.46
N LEU D 6 -5.42 9.71 -1.80
CA LEU D 6 -6.04 9.66 -0.48
C LEU D 6 -5.20 10.40 0.54
N CYS D 7 -3.88 10.22 0.49
CA CYS D 7 -2.99 10.86 1.44
C CYS D 7 -3.08 12.39 1.37
N GLY D 8 -3.13 12.94 0.16
CA GLY D 8 -3.24 14.38 -0.03
C GLY D 8 -4.51 14.95 0.56
N SER D 9 -5.58 14.17 0.53
CA SER D 9 -6.82 14.54 1.20
C SER D 9 -6.60 14.81 2.68
N HIS D 10 -5.84 13.94 3.35
CA HIS D 10 -5.52 14.14 4.75
C HIS D 10 -4.51 15.26 4.98
N LEU D 11 -3.61 15.48 4.01
CA LEU D 11 -2.65 16.57 4.11
C LEU D 11 -3.36 17.92 4.10
N VAL D 12 -4.35 18.09 3.23
CA VAL D 12 -5.01 19.39 3.15
C VAL D 12 -5.82 19.69 4.40
N GLU D 13 -6.44 18.67 5.01
CA GLU D 13 -7.11 18.82 6.29
C GLU D 13 -6.10 19.23 7.38
N ALA D 14 -4.96 18.56 7.41
CA ALA D 14 -3.89 18.88 8.36
C ALA D 14 -3.36 20.31 8.17
N LEU D 15 -3.23 20.73 6.91
CA LEU D 15 -2.73 22.08 6.63
C LEU D 15 -3.76 23.12 7.03
N TYR D 16 -5.03 22.81 6.77
CA TYR D 16 -6.10 23.68 7.22
C TYR D 16 -5.99 23.90 8.73
N LEU D 17 -5.85 22.81 9.46
CA LEU D 17 -5.70 22.85 10.91
C LEU D 17 -4.45 23.66 11.34
N VAL D 18 -3.29 23.24 10.84
CA VAL D 18 -2.00 23.81 11.21
C VAL D 18 -1.90 25.30 10.87
N CYS D 19 -2.30 25.66 9.65
CA CYS D 19 -2.13 27.02 9.16
C CYS D 19 -3.22 27.99 9.63
N GLY D 20 -4.36 27.46 10.07
CA GLY D 20 -5.44 28.30 10.58
C GLY D 20 -5.73 29.51 9.70
N GLU D 21 -5.63 30.70 10.30
CA GLU D 21 -5.94 31.96 9.63
C GLU D 21 -4.96 32.28 8.49
N ARG D 22 -3.69 31.91 8.65
CA ARG D 22 -2.66 32.13 7.62
C ARG D 22 -3.05 31.58 6.25
N GLY D 23 -3.66 30.39 6.24
CA GLY D 23 -4.01 29.71 4.99
C GLY D 23 -2.79 29.01 4.41
N PHE D 24 -2.95 28.46 3.21
CA PHE D 24 -1.89 27.65 2.63
C PHE D 24 -2.06 27.49 1.14
N PHE D 25 -1.04 26.89 0.53
CA PHE D 25 -0.98 26.61 -0.89
C PHE D 25 -0.75 25.11 -1.01
N TYR D 26 -1.47 24.47 -1.92
CA TYR D 26 -1.34 23.06 -2.14
C TYR D 26 -1.07 22.85 -3.62
N THR D 27 0.10 22.31 -3.93
CA THR D 27 0.45 21.90 -5.28
C THR D 27 1.16 20.55 -5.19
N PRO D 28 0.49 19.47 -5.62
CA PRO D 28 0.98 18.10 -5.37
C PRO D 28 2.29 17.72 -6.08
N LYS D 29 2.46 18.14 -7.33
CA LYS D 29 3.62 17.72 -8.13
C LYS D 29 4.46 18.89 -8.62
N THR D 30 5.72 18.94 -8.18
CA THR D 30 6.63 20.01 -8.57
N GLY E 1 -2.26 -2.49 20.62
CA GLY E 1 -3.09 -1.27 20.61
C GLY E 1 -4.18 -1.29 19.56
N ILE E 2 -5.00 -0.23 19.56
CA ILE E 2 -6.10 -0.12 18.60
C ILE E 2 -5.61 -0.01 17.15
N VAL E 3 -4.46 0.61 16.95
CA VAL E 3 -3.89 0.78 15.61
C VAL E 3 -3.48 -0.57 15.02
N GLU E 4 -2.83 -1.41 15.82
CA GLU E 4 -2.39 -2.72 15.35
C GLU E 4 -3.58 -3.65 15.12
N GLN E 5 -4.56 -3.58 16.02
CA GLN E 5 -5.74 -4.43 15.94
C GLN E 5 -6.67 -4.03 14.79
N CYS E 6 -6.80 -2.73 14.53
CA CYS E 6 -7.83 -2.24 13.60
C CYS E 6 -7.32 -1.67 12.28
N CYS E 7 -6.01 -1.54 12.12
CA CYS E 7 -5.44 -1.08 10.84
C CYS E 7 -4.78 -2.19 10.02
N THR E 8 -4.27 -3.22 10.69
CA THR E 8 -3.74 -4.38 9.97
C THR E 8 -4.89 -5.31 9.59
N SER E 9 -5.74 -5.61 10.56
CA SER E 9 -6.99 -6.32 10.30
C SER E 9 -8.16 -5.39 10.55
N ILE E 10 -9.33 -5.73 10.03
CA ILE E 10 -10.49 -4.86 10.13
C ILE E 10 -11.18 -5.11 11.47
N CYS E 11 -11.60 -4.05 12.13
CA CYS E 11 -12.34 -4.17 13.39
C CYS E 11 -13.83 -3.97 13.14
N SER E 12 -14.65 -4.62 13.95
CA SER E 12 -16.08 -4.36 13.97
C SER E 12 -16.39 -3.20 14.91
N LEU E 13 -17.59 -2.63 14.75
CA LEU E 13 -18.06 -1.54 15.60
C LEU E 13 -18.07 -1.96 17.07
N TYR E 14 -18.30 -3.24 17.29
CA TYR E 14 -18.38 -3.81 18.63
C TYR E 14 -17.00 -3.80 19.29
N GLN E 15 -15.98 -4.20 18.55
CA GLN E 15 -14.60 -4.07 19.00
C GLN E 15 -14.22 -2.61 19.29
N LEU E 16 -14.61 -1.69 18.40
CA LEU E 16 -14.35 -0.26 18.62
C LEU E 16 -15.05 0.24 19.88
N GLU E 17 -16.21 -0.33 20.19
CA GLU E 17 -16.99 0.06 21.38
C GLU E 17 -16.26 -0.19 22.71
N ASN E 18 -15.26 -1.07 22.71
CA ASN E 18 -14.39 -1.29 23.87
C ASN E 18 -13.61 -0.03 24.27
N TYR E 19 -13.37 0.85 23.30
CA TYR E 19 -12.58 2.06 23.54
C TYR E 19 -13.40 3.27 23.97
N CYS E 20 -14.73 3.13 24.02
CA CYS E 20 -15.59 4.16 24.58
C CYS E 20 -15.34 4.27 26.10
N ASN E 21 -15.58 5.46 26.66
CA ASN E 21 -15.27 5.74 28.06
C ASN E 21 -16.23 5.02 29.02
N VAL F 2 2.95 5.40 8.04
CA VAL F 2 2.16 6.41 7.27
C VAL F 2 0.74 5.93 6.91
N ASN F 3 0.63 4.69 6.44
CA ASN F 3 -0.67 4.10 6.15
C ASN F 3 -1.48 3.95 7.43
N GLN F 4 -0.78 3.56 8.49
CA GLN F 4 -1.36 3.42 9.80
C GLN F 4 -1.78 4.78 10.37
N HIS F 5 -0.97 5.79 10.11
CA HIS F 5 -1.32 7.15 10.48
C HIS F 5 -2.62 7.59 9.78
N LEU F 6 -2.75 7.26 8.50
CA LEU F 6 -3.96 7.58 7.73
C LEU F 6 -5.16 6.79 8.25
N CYS F 7 -4.94 5.50 8.46
CA CYS F 7 -5.93 4.62 9.08
C CYS F 7 -6.40 5.15 10.43
N GLY F 8 -5.45 5.58 11.25
CA GLY F 8 -5.74 6.11 12.58
C GLY F 8 -6.72 7.27 12.53
N SER F 9 -6.55 8.13 11.53
CA SER F 9 -7.44 9.26 11.30
C SER F 9 -8.89 8.80 11.12
N HIS F 10 -9.09 7.75 10.32
CA HIS F 10 -10.42 7.18 10.14
C HIS F 10 -10.89 6.48 11.40
N LEU F 11 -9.98 5.79 12.09
CA LEU F 11 -10.28 5.12 13.35
C LEU F 11 -10.91 6.04 14.38
N VAL F 12 -10.31 7.20 14.59
CA VAL F 12 -10.81 8.11 15.62
C VAL F 12 -12.18 8.67 15.26
N GLU F 13 -12.43 8.88 13.97
CA GLU F 13 -13.75 9.32 13.52
C GLU F 13 -14.79 8.24 13.79
N ALA F 14 -14.43 6.99 13.49
CA ALA F 14 -15.27 5.84 13.76
C ALA F 14 -15.57 5.73 15.24
N LEU F 15 -14.53 5.87 16.07
CA LEU F 15 -14.70 5.84 17.51
C LEU F 15 -15.64 6.93 17.96
N TYR F 16 -15.48 8.12 17.37
CA TYR F 16 -16.32 9.26 17.71
C TYR F 16 -17.78 8.94 17.45
N LEU F 17 -18.08 8.42 16.28
CA LEU F 17 -19.45 8.09 15.89
C LEU F 17 -20.02 6.95 16.73
N VAL F 18 -19.22 5.89 16.91
CA VAL F 18 -19.63 4.74 17.70
C VAL F 18 -19.90 5.08 19.17
N CYS F 19 -19.05 5.89 19.77
CA CYS F 19 -19.11 6.09 21.21
C CYS F 19 -20.09 7.19 21.63
N GLY F 20 -20.37 8.13 20.73
CA GLY F 20 -21.36 9.17 20.99
C GLY F 20 -21.09 9.98 22.24
N GLU F 21 -22.10 10.07 23.10
CA GLU F 21 -22.09 10.93 24.31
C GLU F 21 -20.96 10.61 25.28
N ARG F 22 -20.70 9.33 25.50
CA ARG F 22 -19.71 8.94 26.52
C ARG F 22 -18.27 9.24 26.10
N GLY F 23 -18.03 9.43 24.81
CA GLY F 23 -16.70 9.72 24.31
C GLY F 23 -15.80 8.50 24.32
N PHE F 24 -14.50 8.72 24.18
CA PHE F 24 -13.55 7.61 24.06
C PHE F 24 -12.12 7.98 24.44
N PHE F 25 -11.29 6.95 24.50
CA PHE F 25 -9.88 7.09 24.78
C PHE F 25 -9.13 6.55 23.57
N TYR F 26 -8.19 7.33 23.05
CA TYR F 26 -7.37 6.90 21.91
C TYR F 26 -5.88 6.98 22.21
N THR F 27 -5.17 5.95 21.78
CA THR F 27 -3.71 5.97 21.79
C THR F 27 -3.20 4.94 20.78
N PRO F 28 -2.16 5.29 20.02
CA PRO F 28 -1.51 4.33 19.13
C PRO F 28 -0.46 3.43 19.80
N LYS F 29 -0.43 3.42 21.14
CA LYS F 29 0.50 2.58 21.91
C LYS F 29 1.91 2.59 21.34
N GLY G 1 -18.32 -2.59 -10.26
CA GLY G 1 -18.93 -1.53 -9.42
C GLY G 1 -17.94 -0.43 -9.08
N ILE G 2 -18.40 0.56 -8.31
CA ILE G 2 -17.58 1.71 -7.95
C ILE G 2 -16.20 1.32 -7.38
N VAL G 3 -16.17 0.30 -6.52
CA VAL G 3 -14.93 -0.10 -5.86
C VAL G 3 -13.85 -0.53 -6.86
N GLU G 4 -14.21 -1.45 -7.77
CA GLU G 4 -13.24 -1.96 -8.75
C GLU G 4 -12.78 -0.86 -9.70
N GLN G 5 -13.70 0.02 -10.09
CA GLN G 5 -13.38 1.12 -10.99
C GLN G 5 -12.46 2.15 -10.33
N CYS G 6 -12.81 2.60 -9.13
CA CYS G 6 -12.20 3.80 -8.55
C CYS G 6 -11.19 3.61 -7.41
N CYS G 7 -11.13 2.41 -6.83
CA CYS G 7 -10.16 2.12 -5.76
C CYS G 7 -8.92 1.41 -6.27
N THR G 8 -8.92 1.06 -7.56
CA THR G 8 -7.77 0.44 -8.20
C THR G 8 -6.97 1.48 -8.96
N SER G 9 -7.66 2.31 -9.74
CA SER G 9 -7.10 3.50 -10.35
C SER G 9 -7.99 4.69 -9.99
N ILE G 10 -7.44 5.89 -10.04
CA ILE G 10 -8.20 7.08 -9.62
C ILE G 10 -9.25 7.49 -10.67
N CYS G 11 -10.45 7.76 -10.20
CA CYS G 11 -11.53 8.24 -11.05
C CYS G 11 -11.59 9.77 -10.99
N SER G 12 -11.89 10.38 -12.14
CA SER G 12 -12.22 11.79 -12.17
C SER G 12 -13.59 11.99 -11.50
N LEU G 13 -13.94 13.25 -11.24
CA LEU G 13 -15.25 13.59 -10.67
C LEU G 13 -16.38 13.26 -11.66
N TYR G 14 -16.03 13.23 -12.94
CA TYR G 14 -17.01 13.04 -14.01
C TYR G 14 -17.32 11.55 -14.19
N GLN G 15 -16.33 10.70 -13.91
CA GLN G 15 -16.55 9.25 -13.83
C GLN G 15 -17.32 8.86 -12.55
N LEU G 16 -17.07 9.59 -11.46
CA LEU G 16 -17.83 9.37 -10.21
C LEU G 16 -19.30 9.78 -10.36
N GLU G 17 -19.57 10.66 -11.32
CA GLU G 17 -20.92 11.11 -11.64
C GLU G 17 -21.81 9.97 -12.16
N ASN G 18 -21.20 8.88 -12.63
CA ASN G 18 -21.94 7.68 -13.02
C ASN G 18 -22.65 6.99 -11.85
N TYR G 19 -22.34 7.39 -10.61
CA TYR G 19 -22.96 6.79 -9.43
C TYR G 19 -23.90 7.75 -8.71
N CYS G 20 -24.26 8.84 -9.39
CA CYS G 20 -25.33 9.71 -8.94
C CYS G 20 -26.67 9.06 -9.27
N ASN G 21 -27.70 9.36 -8.48
CA ASN G 21 -29.06 8.91 -8.78
C ASN G 21 -29.64 9.76 -9.92
N PHE H 1 -11.00 -5.74 3.12
CA PHE H 1 -9.60 -5.27 3.34
C PHE H 1 -9.61 -3.80 3.75
N VAL H 2 -8.71 -3.44 4.68
CA VAL H 2 -8.75 -2.11 5.31
C VAL H 2 -8.57 -0.98 4.27
N ASN H 3 -7.57 -1.10 3.40
CA ASN H 3 -7.37 -0.13 2.30
C ASN H 3 -8.66 0.17 1.54
N GLN H 4 -9.46 -0.87 1.31
CA GLN H 4 -10.72 -0.75 0.58
C GLN H 4 -11.73 0.08 1.36
N HIS H 5 -11.82 -0.20 2.66
CA HIS H 5 -12.66 0.60 3.54
C HIS H 5 -12.24 2.07 3.49
N LEU H 6 -10.93 2.29 3.55
CA LEU H 6 -10.42 3.65 3.54
C LEU H 6 -10.77 4.35 2.23
N CYS H 7 -10.63 3.64 1.11
CA CYS H 7 -10.96 4.22 -0.20
C CYS H 7 -12.44 4.57 -0.29
N GLY H 8 -13.30 3.65 0.15
CA GLY H 8 -14.75 3.84 0.11
C GLY H 8 -15.19 5.06 0.91
N SER H 9 -14.54 5.29 2.05
CA SER H 9 -14.80 6.47 2.87
C SER H 9 -14.58 7.76 2.08
N HIS H 10 -13.50 7.83 1.32
CA HIS H 10 -13.24 9.02 0.51
C HIS H 10 -14.18 9.09 -0.70
N LEU H 11 -14.50 7.93 -1.28
CA LEU H 11 -15.43 7.85 -2.39
C LEU H 11 -16.79 8.44 -2.05
N VAL H 12 -17.32 8.14 -0.87
CA VAL H 12 -18.66 8.62 -0.53
C VAL H 12 -18.71 10.14 -0.31
N GLU H 13 -17.65 10.71 0.26
CA GLU H 13 -17.54 12.16 0.35
C GLU H 13 -17.49 12.83 -1.01
N ALA H 14 -16.69 12.26 -1.91
CA ALA H 14 -16.60 12.75 -3.27
C ALA H 14 -17.95 12.67 -3.98
N LEU H 15 -18.66 11.55 -3.81
CA LEU H 15 -19.98 11.37 -4.43
C LEU H 15 -20.96 12.38 -3.88
N TYR H 16 -20.91 12.61 -2.58
CA TYR H 16 -21.76 13.59 -1.93
C TYR H 16 -21.62 14.98 -2.59
N LEU H 17 -20.36 15.41 -2.71
CA LEU H 17 -20.02 16.67 -3.34
C LEU H 17 -20.47 16.76 -4.79
N VAL H 18 -20.09 15.76 -5.59
CA VAL H 18 -20.31 15.76 -7.03
C VAL H 18 -21.77 15.66 -7.42
N CYS H 19 -22.52 14.82 -6.71
CA CYS H 19 -23.88 14.49 -7.13
C CYS H 19 -24.92 15.50 -6.67
N GLY H 20 -24.62 16.22 -5.60
CA GLY H 20 -25.49 17.31 -5.14
C GLY H 20 -26.89 16.85 -4.79
N GLU H 21 -27.89 17.59 -5.29
CA GLU H 21 -29.31 17.36 -4.98
C GLU H 21 -29.80 15.98 -5.44
N ARG H 22 -29.20 15.47 -6.51
CA ARG H 22 -29.55 14.16 -7.03
C ARG H 22 -29.26 13.07 -5.99
N GLY H 23 -28.17 13.21 -5.25
CA GLY H 23 -27.75 12.18 -4.33
C GLY H 23 -27.09 11.06 -5.09
N PHE H 24 -26.80 9.97 -4.40
CA PHE H 24 -26.02 8.91 -5.01
C PHE H 24 -26.36 7.57 -4.40
N PHE H 25 -25.76 6.52 -4.94
CA PHE H 25 -25.81 5.22 -4.32
C PHE H 25 -24.39 4.72 -4.12
N TYR H 26 -24.13 4.15 -2.95
CA TYR H 26 -22.88 3.49 -2.68
C TYR H 26 -23.14 2.03 -2.40
N THR H 27 -22.73 1.20 -3.35
CA THR H 27 -22.95 -0.24 -3.28
C THR H 27 -21.65 -0.92 -3.66
N PRO H 28 -20.78 -1.18 -2.66
CA PRO H 28 -19.39 -1.56 -2.89
C PRO H 28 -19.16 -2.89 -3.63
N LYS H 29 -19.92 -3.92 -3.25
CA LYS H 29 -19.70 -5.28 -3.76
C LYS H 29 -20.51 -5.54 -5.02
N GLY I 1 -13.62 37.02 0.95
CA GLY I 1 -12.84 35.76 0.89
C GLY I 1 -13.70 34.56 0.50
N ILE I 2 -13.06 33.47 0.12
CA ILE I 2 -13.75 32.24 -0.26
C ILE I 2 -14.70 31.73 0.83
N VAL I 3 -14.33 31.92 2.09
CA VAL I 3 -15.17 31.51 3.21
C VAL I 3 -16.46 32.32 3.24
N GLU I 4 -16.37 33.63 3.11
CA GLU I 4 -17.57 34.49 3.03
C GLU I 4 -18.40 34.12 1.81
N GLN I 5 -17.73 33.94 0.68
CA GLN I 5 -18.41 33.70 -0.59
C GLN I 5 -19.06 32.31 -0.70
N CYS I 6 -18.50 31.31 -0.03
CA CYS I 6 -18.95 29.92 -0.16
C CYS I 6 -19.49 29.25 1.10
N CYS I 7 -19.33 29.87 2.27
CA CYS I 7 -19.90 29.33 3.50
C CYS I 7 -21.22 30.01 3.91
N THR I 8 -21.41 31.26 3.52
CA THR I 8 -22.68 31.94 3.74
C THR I 8 -23.69 31.48 2.70
N SER I 9 -23.26 31.46 1.44
CA SER I 9 -24.08 30.98 0.33
C SER I 9 -23.38 29.80 -0.35
N ILE I 10 -24.14 28.86 -0.89
CA ILE I 10 -23.56 27.66 -1.49
C ILE I 10 -22.89 27.99 -2.83
N CYS I 11 -21.65 27.55 -2.99
CA CYS I 11 -20.90 27.75 -4.23
C CYS I 11 -21.02 26.53 -5.12
N SER I 12 -21.21 26.77 -6.42
CA SER I 12 -21.16 25.71 -7.42
C SER I 12 -19.72 25.24 -7.58
N LEU I 13 -19.55 24.04 -8.15
CA LEU I 13 -18.23 23.50 -8.43
C LEU I 13 -17.44 24.42 -9.37
N TYR I 14 -18.13 25.08 -10.29
CA TYR I 14 -17.50 26.05 -11.21
C TYR I 14 -16.87 27.22 -10.46
N GLN I 15 -17.57 27.70 -9.43
CA GLN I 15 -17.06 28.81 -8.60
C GLN I 15 -15.85 28.39 -7.78
N LEU I 16 -15.88 27.15 -7.26
CA LEU I 16 -14.72 26.59 -6.56
C LEU I 16 -13.50 26.50 -7.48
N GLU I 17 -13.72 26.13 -8.75
CA GLU I 17 -12.64 26.07 -9.74
C GLU I 17 -11.84 27.37 -9.86
N ASN I 18 -12.47 28.51 -9.56
CA ASN I 18 -11.78 29.81 -9.57
C ASN I 18 -10.58 29.83 -8.65
N TYR I 19 -10.67 29.11 -7.52
CA TYR I 19 -9.63 29.13 -6.50
C TYR I 19 -8.52 28.12 -6.74
N CYS I 20 -8.67 27.26 -7.74
CA CYS I 20 -7.56 26.43 -8.16
C CYS I 20 -6.53 27.34 -8.81
N ASN I 21 -5.25 26.97 -8.75
CA ASN I 21 -4.21 27.77 -9.40
C ASN I 21 -3.85 27.15 -10.75
N ASN J 3 -18.05 27.28 12.97
CA ASN J 3 -19.09 27.14 11.90
C ASN J 3 -18.54 27.55 10.53
N GLN J 4 -18.14 28.81 10.39
CA GLN J 4 -17.36 29.25 9.23
C GLN J 4 -16.04 28.49 9.21
N HIS J 5 -15.44 28.39 10.39
CA HIS J 5 -14.22 27.64 10.62
C HIS J 5 -14.37 26.16 10.23
N LEU J 6 -15.47 25.55 10.65
CA LEU J 6 -15.77 24.17 10.29
C LEU J 6 -16.08 24.07 8.80
N CYS J 7 -16.81 25.04 8.26
CA CYS J 7 -17.16 25.05 6.85
C CYS J 7 -15.93 25.12 5.93
N GLY J 8 -14.95 25.92 6.32
CA GLY J 8 -13.70 26.05 5.57
C GLY J 8 -12.96 24.72 5.43
N SER J 9 -13.06 23.88 6.45
CA SER J 9 -12.54 22.51 6.41
C SER J 9 -13.17 21.67 5.29
N HIS J 10 -14.48 21.82 5.09
CA HIS J 10 -15.14 21.17 3.97
C HIS J 10 -14.82 21.83 2.64
N LEU J 11 -14.67 23.15 2.65
CA LEU J 11 -14.26 23.87 1.46
C LEU J 11 -12.93 23.38 0.91
N VAL J 12 -11.93 23.26 1.79
CA VAL J 12 -10.59 22.87 1.32
C VAL J 12 -10.58 21.44 0.75
N GLU J 13 -11.41 20.56 1.30
CA GLU J 13 -11.57 19.22 0.76
C GLU J 13 -12.27 19.24 -0.59
N ALA J 14 -13.23 20.15 -0.75
CA ALA J 14 -13.91 20.32 -2.03
C ALA J 14 -12.92 20.84 -3.08
N LEU J 15 -12.10 21.80 -2.69
CA LEU J 15 -11.09 22.35 -3.58
C LEU J 15 -10.06 21.30 -3.99
N TYR J 16 -9.56 20.52 -3.03
CA TYR J 16 -8.59 19.46 -3.31
C TYR J 16 -9.08 18.53 -4.43
N LEU J 17 -10.38 18.33 -4.42
CA LEU J 17 -11.05 17.36 -5.25
C LEU J 17 -11.40 17.96 -6.63
N VAL J 18 -11.92 19.18 -6.61
CA VAL J 18 -12.23 19.92 -7.84
C VAL J 18 -10.94 20.30 -8.58
N CYS J 19 -9.91 20.68 -7.84
CA CYS J 19 -8.70 21.21 -8.46
C CYS J 19 -7.73 20.15 -8.97
N GLY J 20 -7.80 18.93 -8.43
CA GLY J 20 -6.91 17.85 -8.86
C GLY J 20 -5.44 18.25 -8.81
N GLU J 21 -4.69 17.90 -9.85
CA GLU J 21 -3.23 18.09 -9.84
C GLU J 21 -2.81 19.56 -9.94
N ARG J 22 -3.72 20.44 -10.38
CA ARG J 22 -3.47 21.88 -10.37
C ARG J 22 -3.19 22.42 -8.97
N GLY J 23 -3.84 21.83 -7.97
CA GLY J 23 -3.76 22.35 -6.62
C GLY J 23 -4.57 23.61 -6.48
N PHE J 24 -4.37 24.32 -5.38
CA PHE J 24 -5.16 25.50 -5.08
C PHE J 24 -4.47 26.31 -4.00
N PHE J 25 -4.85 27.57 -3.90
CA PHE J 25 -4.43 28.43 -2.81
C PHE J 25 -5.64 28.68 -1.91
N TYR J 26 -5.45 28.46 -0.62
CA TYR J 26 -6.48 28.77 0.36
C TYR J 26 -6.00 29.92 1.21
N THR J 27 -6.69 31.05 1.09
CA THR J 27 -6.38 32.27 1.82
C THR J 27 -7.68 32.86 2.34
N PRO J 28 -8.02 32.61 3.62
CA PRO J 28 -9.36 32.97 4.13
C PRO J 28 -9.64 34.47 4.33
N LYS J 29 -8.80 35.35 3.77
CA LYS J 29 -9.05 36.79 3.76
C LYS J 29 -8.48 37.45 2.49
N THR J 30 -8.92 36.97 1.33
CA THR J 30 -8.48 37.52 0.05
C THR J 30 -9.45 37.12 -1.07
N GLY K 1 -15.02 21.63 29.74
CA GLY K 1 -14.38 20.66 28.82
C GLY K 1 -14.02 21.24 27.47
N ILE K 2 -13.74 20.36 26.51
CA ILE K 2 -13.32 20.78 25.17
C ILE K 2 -14.46 21.40 24.37
N VAL K 3 -15.67 20.86 24.51
CA VAL K 3 -16.83 21.36 23.80
C VAL K 3 -17.17 22.79 24.25
N GLU K 4 -17.03 23.05 25.55
CA GLU K 4 -17.28 24.39 26.09
C GLU K 4 -16.26 25.37 25.52
N GLN K 5 -14.98 25.04 25.66
CA GLN K 5 -13.90 25.92 25.20
C GLN K 5 -13.87 26.10 23.69
N CYS K 6 -13.87 24.98 22.96
CA CYS K 6 -13.45 24.98 21.55
C CYS K 6 -14.55 24.92 20.50
N CYS K 7 -15.80 24.69 20.90
CA CYS K 7 -16.90 24.72 19.93
C CYS K 7 -17.60 26.08 19.88
N THR K 8 -17.55 26.83 20.99
CA THR K 8 -18.09 28.18 21.04
C THR K 8 -17.13 29.23 20.48
N SER K 9 -15.82 28.93 20.51
CA SER K 9 -14.83 29.79 19.85
C SER K 9 -13.63 28.98 19.36
N ILE K 10 -12.86 29.56 18.44
CA ILE K 10 -11.82 28.83 17.72
C ILE K 10 -10.53 28.66 18.53
N CYS K 11 -10.32 27.44 19.03
CA CYS K 11 -9.09 27.10 19.76
C CYS K 11 -7.89 26.95 18.83
N SER K 12 -6.74 27.38 19.32
CA SER K 12 -5.47 27.14 18.65
C SER K 12 -5.02 25.71 18.96
N LEU K 13 -4.04 25.23 18.18
CA LEU K 13 -3.47 23.90 18.39
C LEU K 13 -2.86 23.78 19.78
N TYR K 14 -2.29 24.88 20.27
CA TYR K 14 -1.69 24.92 21.62
C TYR K 14 -2.77 24.75 22.68
N GLN K 15 -3.93 25.36 22.48
CA GLN K 15 -5.08 25.13 23.36
C GLN K 15 -5.59 23.69 23.27
N LEU K 16 -5.70 23.15 22.05
CA LEU K 16 -6.11 21.77 21.86
C LEU K 16 -5.11 20.79 22.49
N GLU K 17 -3.84 21.16 22.50
CA GLU K 17 -2.81 20.33 23.11
C GLU K 17 -3.08 20.02 24.59
N ASN K 18 -3.85 20.87 25.27
CA ASN K 18 -4.20 20.67 26.69
C ASN K 18 -5.00 19.39 26.95
N TYR K 19 -5.69 18.89 25.95
CA TYR K 19 -6.55 17.72 26.10
C TYR K 19 -5.87 16.43 25.67
N CYS K 20 -4.59 16.49 25.33
CA CYS K 20 -3.82 15.30 25.00
C CYS K 20 -3.49 14.49 26.25
N ASN K 21 -2.97 13.28 26.04
CA ASN K 21 -2.46 12.45 27.11
C ASN K 21 -0.94 12.53 27.12
N PHE L 1 -27.67 18.01 20.53
CA PHE L 1 -27.64 19.21 19.65
C PHE L 1 -26.64 18.99 18.53
N VAL L 2 -27.10 19.19 17.28
CA VAL L 2 -26.39 18.72 16.10
C VAL L 2 -25.08 19.47 15.86
N ASN L 3 -25.09 20.79 16.04
CA ASN L 3 -23.89 21.59 15.85
C ASN L 3 -22.71 21.14 16.72
N GLN L 4 -23.01 20.71 17.95
CA GLN L 4 -21.98 20.21 18.87
C GLN L 4 -21.44 18.86 18.43
N HIS L 5 -22.32 18.01 17.91
CA HIS L 5 -21.88 16.75 17.30
C HIS L 5 -20.97 17.03 16.11
N LEU L 6 -21.37 17.97 15.26
CA LEU L 6 -20.58 18.34 14.09
C LEU L 6 -19.22 18.89 14.49
N CYS L 7 -19.21 19.77 15.49
CA CYS L 7 -17.96 20.34 15.99
C CYS L 7 -17.05 19.23 16.53
N GLY L 8 -17.61 18.33 17.32
CA GLY L 8 -16.86 17.21 17.91
C GLY L 8 -16.13 16.37 16.87
N SER L 9 -16.78 16.10 15.75
CA SER L 9 -16.15 15.37 14.65
C SER L 9 -14.83 16.02 14.20
N HIS L 10 -14.82 17.33 14.11
CA HIS L 10 -13.62 18.04 13.68
C HIS L 10 -12.62 18.14 14.82
N LEU L 11 -13.12 18.34 16.04
CA LEU L 11 -12.26 18.39 17.20
C LEU L 11 -11.39 17.14 17.33
N VAL L 12 -11.99 15.95 17.22
CA VAL L 12 -11.23 14.70 17.42
C VAL L 12 -10.15 14.48 16.35
N GLU L 13 -10.38 14.95 15.13
CA GLU L 13 -9.34 14.91 14.10
C GLU L 13 -8.22 15.87 14.44
N ALA L 14 -8.58 17.05 14.94
CA ALA L 14 -7.58 18.01 15.39
C ALA L 14 -6.74 17.42 16.53
N LEU L 15 -7.41 16.81 17.50
CA LEU L 15 -6.71 16.14 18.60
C LEU L 15 -5.79 15.03 18.09
N TYR L 16 -6.32 14.16 17.22
CA TYR L 16 -5.51 13.09 16.64
C TYR L 16 -4.20 13.64 16.10
N LEU L 17 -4.27 14.74 15.35
CA LEU L 17 -3.10 15.32 14.73
C LEU L 17 -2.18 15.98 15.74
N VAL L 18 -2.74 16.84 16.59
CA VAL L 18 -1.97 17.55 17.59
C VAL L 18 -1.31 16.59 18.59
N CYS L 19 -2.09 15.65 19.11
CA CYS L 19 -1.61 14.81 20.21
C CYS L 19 -0.64 13.72 19.77
N GLY L 20 -0.65 13.38 18.49
CA GLY L 20 0.30 12.44 17.93
C GLY L 20 0.37 11.14 18.70
N GLU L 21 1.59 10.72 19.04
CA GLU L 21 1.85 9.43 19.67
C GLU L 21 1.24 9.32 21.08
N ARG L 22 1.08 10.45 21.76
CA ARG L 22 0.54 10.46 23.12
C ARG L 22 -0.90 9.98 23.18
N GLY L 23 -1.66 10.23 22.11
CA GLY L 23 -3.08 9.92 22.08
C GLY L 23 -3.85 10.94 22.88
N PHE L 24 -5.13 10.67 23.11
CA PHE L 24 -5.98 11.62 23.82
C PHE L 24 -7.22 10.99 24.41
N PHE L 25 -7.82 11.75 25.30
CA PHE L 25 -9.04 11.41 26.03
C PHE L 25 -10.08 12.35 25.44
N TYR L 26 -11.19 11.80 24.93
CA TYR L 26 -12.27 12.65 24.48
C TYR L 26 -13.50 12.45 25.34
N THR L 27 -13.94 13.53 25.99
CA THR L 27 -15.16 13.55 26.79
C THR L 27 -16.05 14.72 26.34
N PRO L 28 -17.19 14.42 25.71
CA PRO L 28 -18.17 15.48 25.44
C PRO L 28 -18.71 16.13 26.72
N LYS L 29 -19.21 15.31 27.64
CA LYS L 29 -19.78 15.78 28.92
C LYS L 29 -18.88 15.39 30.08
N GLY M 1 -5.80 -15.59 -21.20
CA GLY M 1 -4.45 -15.06 -21.52
C GLY M 1 -3.33 -15.87 -20.88
N ILE M 2 -2.17 -15.23 -20.70
CA ILE M 2 -0.95 -15.90 -20.25
C ILE M 2 -1.09 -16.68 -18.93
N VAL M 3 -1.74 -16.07 -17.94
CA VAL M 3 -1.83 -16.64 -16.60
C VAL M 3 -2.70 -17.89 -16.62
N GLU M 4 -3.83 -17.80 -17.31
CA GLU M 4 -4.79 -18.88 -17.39
C GLU M 4 -4.17 -20.10 -18.04
N GLN M 5 -3.40 -19.88 -19.10
CA GLN M 5 -2.79 -20.95 -19.86
C GLN M 5 -1.61 -21.57 -19.11
N CYS M 6 -0.71 -20.72 -18.62
CA CYS M 6 0.58 -21.17 -18.09
C CYS M 6 0.62 -21.53 -16.61
N CYS M 7 -0.37 -21.09 -15.83
CA CYS M 7 -0.41 -21.47 -14.42
C CYS M 7 -1.26 -22.72 -14.15
N THR M 8 -1.95 -23.22 -15.17
CA THR M 8 -2.64 -24.50 -15.08
C THR M 8 -1.66 -25.60 -15.47
N SER M 9 -1.19 -25.55 -16.72
CA SER M 9 -0.16 -26.48 -17.20
C SER M 9 1.10 -25.69 -17.57
N ILE M 10 2.23 -26.37 -17.53
CA ILE M 10 3.53 -25.72 -17.69
C ILE M 10 3.72 -25.25 -19.12
N CYS M 11 4.19 -24.01 -19.27
CA CYS M 11 4.57 -23.47 -20.57
C CYS M 11 6.09 -23.50 -20.69
N SER M 12 6.58 -23.87 -21.86
CA SER M 12 8.01 -23.83 -22.15
C SER M 12 8.41 -22.38 -22.45
N LEU M 13 9.71 -22.13 -22.44
CA LEU M 13 10.23 -20.82 -22.85
C LEU M 13 9.81 -20.49 -24.28
N TYR M 14 9.79 -21.50 -25.14
CA TYR M 14 9.42 -21.32 -26.54
C TYR M 14 8.01 -20.76 -26.67
N GLN M 15 7.07 -21.30 -25.90
CA GLN M 15 5.71 -20.79 -25.86
C GLN M 15 5.61 -19.36 -25.33
N LEU M 16 6.32 -19.08 -24.24
CA LEU M 16 6.31 -17.75 -23.63
C LEU M 16 6.92 -16.69 -24.54
N GLU M 17 7.77 -17.12 -25.46
CA GLU M 17 8.37 -16.22 -26.43
C GLU M 17 7.33 -15.52 -27.33
N ASN M 18 6.16 -16.13 -27.52
CA ASN M 18 5.06 -15.51 -28.27
C ASN M 18 4.61 -14.18 -27.69
N TYR M 19 4.69 -14.03 -26.37
CA TYR M 19 4.20 -12.83 -25.67
C TYR M 19 5.18 -11.66 -25.62
N CYS M 20 6.37 -11.81 -26.22
CA CYS M 20 7.36 -10.73 -26.21
C CYS M 20 6.90 -9.56 -27.10
N ASN M 21 7.67 -8.48 -27.07
CA ASN M 21 7.51 -7.41 -28.06
C ASN M 21 8.39 -7.69 -29.28
N VAL N 2 -4.04 -16.78 -4.65
CA VAL N 2 -2.61 -16.50 -4.29
C VAL N 2 -1.66 -17.32 -5.16
N ASN N 3 -2.02 -18.58 -5.44
CA ASN N 3 -1.24 -19.45 -6.32
C ASN N 3 -0.99 -18.81 -7.69
N GLN N 4 -2.04 -18.22 -8.27
CA GLN N 4 -1.91 -17.54 -9.56
C GLN N 4 -1.08 -16.27 -9.43
N HIS N 5 -1.28 -15.54 -8.33
CA HIS N 5 -0.46 -14.36 -8.05
C HIS N 5 1.03 -14.73 -7.94
N LEU N 6 1.31 -15.83 -7.24
CA LEU N 6 2.67 -16.30 -7.05
C LEU N 6 3.23 -16.86 -8.35
N CYS N 7 2.41 -17.62 -9.06
CA CYS N 7 2.78 -18.16 -10.36
C CYS N 7 3.15 -17.04 -11.34
N GLY N 8 2.37 -15.96 -11.34
CA GLY N 8 2.62 -14.82 -12.20
C GLY N 8 4.00 -14.18 -11.98
N SER N 9 4.45 -14.18 -10.72
CA SER N 9 5.77 -13.70 -10.35
C SER N 9 6.88 -14.47 -11.08
N HIS N 10 6.77 -15.80 -11.12
CA HIS N 10 7.74 -16.61 -11.86
C HIS N 10 7.62 -16.39 -13.37
N LEU N 11 6.38 -16.26 -13.85
CA LEU N 11 6.13 -16.03 -15.28
C LEU N 11 6.88 -14.84 -15.83
N VAL N 12 6.82 -13.71 -15.12
CA VAL N 12 7.41 -12.47 -15.63
C VAL N 12 8.94 -12.49 -15.64
N GLU N 13 9.54 -13.28 -14.73
CA GLU N 13 10.97 -13.55 -14.78
C GLU N 13 11.34 -14.43 -15.98
N ALA N 14 10.49 -15.39 -16.30
CA ALA N 14 10.69 -16.21 -17.50
C ALA N 14 10.51 -15.36 -18.76
N LEU N 15 9.49 -14.50 -18.79
CA LEU N 15 9.31 -13.56 -19.89
C LEU N 15 10.51 -12.62 -20.01
N TYR N 16 11.02 -12.13 -18.88
CA TYR N 16 12.18 -11.24 -18.88
C TYR N 16 13.38 -11.93 -19.53
N LEU N 17 13.63 -13.17 -19.10
CA LEU N 17 14.73 -13.98 -19.63
C LEU N 17 14.61 -14.21 -21.15
N VAL N 18 13.45 -14.67 -21.62
CA VAL N 18 13.28 -15.07 -23.01
C VAL N 18 13.17 -13.89 -23.97
N CYS N 19 12.47 -12.84 -23.55
CA CYS N 19 12.23 -11.70 -24.40
C CYS N 19 13.47 -10.84 -24.62
N GLY N 20 14.39 -10.85 -23.67
CA GLY N 20 15.64 -10.09 -23.77
C GLY N 20 15.40 -8.61 -24.00
N GLU N 21 16.10 -8.06 -24.99
CA GLU N 21 16.02 -6.63 -25.32
C GLU N 21 14.68 -6.21 -25.89
N ARG N 22 13.89 -7.16 -26.38
CA ARG N 22 12.59 -6.85 -26.96
C ARG N 22 11.62 -6.35 -25.90
N GLY N 23 11.76 -6.83 -24.67
CA GLY N 23 10.84 -6.49 -23.61
C GLY N 23 9.52 -7.22 -23.80
N PHE N 24 8.52 -6.83 -23.02
CA PHE N 24 7.20 -7.45 -23.08
C PHE N 24 6.17 -6.63 -22.34
N PHE N 25 4.91 -6.90 -22.64
CA PHE N 25 3.79 -6.38 -21.88
C PHE N 25 3.28 -7.49 -20.97
N TYR N 26 2.87 -7.11 -19.76
CA TYR N 26 2.23 -8.05 -18.88
C TYR N 26 0.88 -7.48 -18.47
N THR N 27 -0.17 -8.17 -18.90
CA THR N 27 -1.54 -7.74 -18.64
C THR N 27 -2.31 -8.95 -18.08
N PRO N 28 -2.32 -9.10 -16.75
CA PRO N 28 -3.01 -10.24 -16.13
C PRO N 28 -4.53 -10.05 -16.09
N GLY O 1 24.01 -3.81 10.97
CA GLY O 1 23.61 -3.91 9.54
C GLY O 1 24.08 -5.19 8.87
N ILE O 2 23.14 -6.07 8.54
CA ILE O 2 23.43 -7.28 7.78
C ILE O 2 23.95 -6.95 6.38
N VAL O 3 23.48 -5.84 5.83
CA VAL O 3 23.90 -5.38 4.52
C VAL O 3 25.40 -5.11 4.51
N GLU O 4 25.85 -4.26 5.42
CA GLU O 4 27.25 -3.83 5.45
C GLU O 4 28.22 -4.98 5.75
N GLN O 5 27.75 -5.98 6.49
CA GLN O 5 28.56 -7.17 6.76
C GLN O 5 28.63 -8.08 5.53
N CYS O 6 27.49 -8.36 4.93
CA CYS O 6 27.36 -9.43 3.94
C CYS O 6 27.28 -8.98 2.47
N CYS O 7 27.13 -7.68 2.22
CA CYS O 7 27.15 -7.18 0.84
C CYS O 7 28.49 -6.56 0.43
N THR O 8 29.56 -6.96 1.11
CA THR O 8 30.92 -6.57 0.76
C THR O 8 31.79 -7.81 0.59
N SER O 9 31.75 -8.69 1.57
CA SER O 9 32.35 -10.03 1.48
C SER O 9 31.28 -11.08 1.77
N ILE O 10 31.48 -12.30 1.26
CA ILE O 10 30.46 -13.35 1.32
C ILE O 10 30.33 -13.95 2.73
N CYS O 11 29.13 -13.81 3.32
CA CYS O 11 28.81 -14.45 4.59
C CYS O 11 28.41 -15.91 4.34
N SER O 12 28.78 -16.80 5.26
CA SER O 12 28.27 -18.16 5.25
C SER O 12 26.87 -18.16 5.86
N LEU O 13 26.15 -19.27 5.71
CA LEU O 13 24.81 -19.42 6.29
C LEU O 13 24.84 -19.24 7.80
N TYR O 14 25.89 -19.72 8.43
CA TYR O 14 26.07 -19.61 9.89
C TYR O 14 26.07 -18.16 10.34
N GLN O 15 26.75 -17.30 9.58
CA GLN O 15 26.86 -15.88 9.91
C GLN O 15 25.53 -15.12 9.76
N LEU O 16 24.67 -15.61 8.87
CA LEU O 16 23.34 -15.03 8.66
C LEU O 16 22.40 -15.38 9.81
N GLU O 17 22.65 -16.51 10.47
CA GLU O 17 21.80 -17.02 11.54
C GLU O 17 21.73 -16.07 12.74
N ASN O 18 22.75 -15.23 12.88
CA ASN O 18 22.76 -14.19 13.91
C ASN O 18 21.58 -13.22 13.80
N TYR O 19 21.03 -13.04 12.60
CA TYR O 19 19.92 -12.11 12.38
C TYR O 19 18.53 -12.73 12.47
N CYS O 20 18.45 -14.01 12.85
CA CYS O 20 17.15 -14.65 13.06
C CYS O 20 16.59 -14.21 14.41
N ASN O 21 15.27 -14.28 14.56
CA ASN O 21 14.60 -13.83 15.79
C ASN O 21 14.86 -14.76 16.95
N VAL P 2 29.61 -3.81 -5.24
CA VAL P 2 28.32 -4.52 -4.95
C VAL P 2 27.16 -3.54 -4.80
N ASN P 3 26.17 -3.67 -5.69
CA ASN P 3 24.92 -2.91 -5.60
C ASN P 3 24.14 -3.40 -4.39
N GLN P 4 24.06 -2.56 -3.36
CA GLN P 4 23.57 -2.99 -2.05
C GLN P 4 22.05 -3.14 -1.98
N HIS P 5 21.33 -2.30 -2.70
CA HIS P 5 19.89 -2.45 -2.90
C HIS P 5 19.58 -3.86 -3.44
N LEU P 6 20.25 -4.23 -4.53
CA LEU P 6 20.03 -5.55 -5.14
C LEU P 6 20.56 -6.68 -4.28
N CYS P 7 21.73 -6.49 -3.68
CA CYS P 7 22.28 -7.50 -2.76
C CYS P 7 21.33 -7.78 -1.59
N GLY P 8 20.74 -6.73 -1.03
CA GLY P 8 19.78 -6.83 0.07
C GLY P 8 18.62 -7.75 -0.27
N SER P 9 18.16 -7.65 -1.51
CA SER P 9 17.11 -8.52 -2.05
C SER P 9 17.49 -9.99 -1.93
N HIS P 10 18.75 -10.31 -2.27
CA HIS P 10 19.25 -11.68 -2.11
C HIS P 10 19.47 -12.02 -0.63
N LEU P 11 19.96 -11.08 0.16
CA LEU P 11 20.14 -11.29 1.61
C LEU P 11 18.86 -11.71 2.33
N VAL P 12 17.76 -10.99 2.07
CA VAL P 12 16.49 -11.31 2.70
C VAL P 12 16.00 -12.71 2.31
N GLU P 13 16.32 -13.15 1.09
CA GLU P 13 15.99 -14.52 0.68
C GLU P 13 16.85 -15.55 1.39
N ALA P 14 18.15 -15.29 1.50
CA ALA P 14 19.04 -16.15 2.27
C ALA P 14 18.60 -16.20 3.73
N LEU P 15 18.27 -15.04 4.31
CA LEU P 15 17.78 -14.96 5.69
C LEU P 15 16.50 -15.76 5.85
N TYR P 16 15.59 -15.63 4.91
CA TYR P 16 14.33 -16.37 4.94
C TYR P 16 14.60 -17.88 5.05
N LEU P 17 15.48 -18.38 4.19
CA LEU P 17 15.82 -19.82 4.17
C LEU P 17 16.45 -20.31 5.48
N VAL P 18 17.46 -19.59 5.96
CA VAL P 18 18.18 -19.99 7.16
C VAL P 18 17.26 -19.98 8.39
N CYS P 19 16.59 -18.86 8.63
CA CYS P 19 15.82 -18.67 9.85
C CYS P 19 14.53 -19.49 9.95
N GLY P 20 13.92 -19.79 8.81
CA GLY P 20 12.70 -20.60 8.78
C GLY P 20 11.57 -20.05 9.62
N GLU P 21 10.95 -20.93 10.40
CA GLU P 21 9.78 -20.59 11.24
C GLU P 21 10.06 -19.52 12.29
N ARG P 22 11.34 -19.26 12.57
CA ARG P 22 11.73 -18.25 13.56
C ARG P 22 11.61 -16.84 13.03
N GLY P 23 11.79 -16.67 11.73
CA GLY P 23 11.79 -15.34 11.13
C GLY P 23 13.08 -14.59 11.43
N PHE P 24 13.06 -13.28 11.16
CA PHE P 24 14.26 -12.46 11.29
C PHE P 24 13.93 -10.98 11.32
N PHE P 25 14.91 -10.20 11.74
CA PHE P 25 14.80 -8.74 11.71
C PHE P 25 15.75 -8.22 10.63
N TYR P 26 15.18 -7.54 9.62
CA TYR P 26 15.98 -6.93 8.58
C TYR P 26 15.97 -5.41 8.74
N THR P 27 17.14 -4.81 8.58
CA THR P 27 17.28 -3.35 8.56
C THR P 27 18.35 -2.94 7.56
N GLY Q 1 34.82 -21.57 -16.57
CA GLY Q 1 33.51 -22.17 -16.16
C GLY Q 1 32.36 -21.19 -16.38
N ILE Q 2 31.16 -21.60 -15.96
CA ILE Q 2 29.95 -20.82 -16.22
C ILE Q 2 30.02 -19.40 -15.64
N VAL Q 3 30.55 -19.26 -14.42
CA VAL Q 3 30.65 -17.95 -13.79
C VAL Q 3 31.54 -17.04 -14.64
N GLU Q 4 32.75 -17.52 -14.93
CA GLU Q 4 33.72 -16.76 -15.73
C GLU Q 4 33.15 -16.49 -17.11
N GLN Q 5 32.48 -17.49 -17.68
CA GLN Q 5 31.88 -17.37 -19.00
C GLN Q 5 30.71 -16.39 -19.02
N CYS Q 6 29.80 -16.52 -18.05
CA CYS Q 6 28.50 -15.84 -18.12
C CYS Q 6 28.28 -14.66 -17.17
N CYS Q 7 29.21 -14.45 -16.23
CA CYS Q 7 29.12 -13.30 -15.32
C CYS Q 7 30.06 -12.15 -15.72
N THR Q 8 30.98 -12.42 -16.64
CA THR Q 8 31.83 -11.37 -17.22
C THR Q 8 31.08 -10.71 -18.38
N SER Q 9 30.70 -11.54 -19.36
CA SER Q 9 29.88 -11.08 -20.48
C SER Q 9 28.63 -11.93 -20.61
N ILE Q 10 27.67 -11.42 -21.38
CA ILE Q 10 26.35 -12.02 -21.49
C ILE Q 10 26.41 -13.36 -22.21
N CYS Q 11 25.71 -14.35 -21.66
CA CYS Q 11 25.56 -15.66 -22.29
C CYS Q 11 24.17 -15.76 -22.91
N SER Q 12 24.10 -16.39 -24.08
CA SER Q 12 22.82 -16.64 -24.73
C SER Q 12 22.21 -17.90 -24.10
N LEU Q 13 20.93 -18.12 -24.42
CA LEU Q 13 20.20 -19.27 -23.89
C LEU Q 13 20.78 -20.58 -24.39
N TYR Q 14 21.27 -20.61 -25.63
CA TYR Q 14 21.92 -21.82 -26.15
C TYR Q 14 23.15 -22.17 -25.33
N GLN Q 15 23.96 -21.15 -24.99
CA GLN Q 15 25.14 -21.39 -24.17
C GLN Q 15 24.77 -21.94 -22.81
N LEU Q 16 23.71 -21.42 -22.21
CA LEU Q 16 23.22 -21.92 -20.93
C LEU Q 16 22.78 -23.37 -21.07
N GLU Q 17 22.23 -23.71 -22.22
CA GLU Q 17 21.76 -25.06 -22.52
C GLU Q 17 22.86 -26.13 -22.45
N ASN Q 18 24.11 -25.72 -22.65
CA ASN Q 18 25.26 -26.62 -22.53
C ASN Q 18 25.47 -27.16 -21.12
N TYR Q 19 24.90 -26.48 -20.12
CA TYR Q 19 25.00 -26.93 -18.73
C TYR Q 19 23.82 -27.79 -18.30
N CYS Q 20 22.84 -27.96 -19.20
CA CYS Q 20 21.74 -28.89 -18.94
C CYS Q 20 22.29 -30.30 -19.01
N ASN Q 21 21.64 -31.23 -18.29
CA ASN Q 21 22.06 -32.63 -18.28
C ASN Q 21 21.56 -33.34 -19.54
N VAL R 2 31.14 -11.50 -3.87
CA VAL R 2 29.66 -11.38 -3.70
C VAL R 2 28.96 -11.18 -5.05
N ASN R 3 29.56 -10.39 -5.95
CA ASN R 3 28.99 -10.18 -7.29
C ASN R 3 28.88 -11.50 -8.07
N GLN R 4 29.87 -12.38 -7.90
CA GLN R 4 29.84 -13.71 -8.47
C GLN R 4 28.74 -14.53 -7.82
N HIS R 5 28.58 -14.38 -6.51
CA HIS R 5 27.47 -15.00 -5.79
C HIS R 5 26.13 -14.50 -6.33
N LEU R 6 26.03 -13.19 -6.52
CA LEU R 6 24.80 -12.56 -6.99
C LEU R 6 24.46 -12.96 -8.43
N CYS R 7 25.44 -12.91 -9.33
CA CYS R 7 25.23 -13.32 -10.74
C CYS R 7 24.88 -14.79 -10.81
N GLY R 8 25.54 -15.59 -9.97
CA GLY R 8 25.31 -17.03 -9.93
C GLY R 8 23.91 -17.39 -9.50
N SER R 9 23.34 -16.57 -8.63
CA SER R 9 21.95 -16.76 -8.18
C SER R 9 21.00 -16.66 -9.39
N HIS R 10 21.25 -15.68 -10.25
CA HIS R 10 20.43 -15.53 -11.46
C HIS R 10 20.73 -16.61 -12.48
N LEU R 11 21.98 -17.07 -12.54
CA LEU R 11 22.37 -18.16 -13.45
C LEU R 11 21.55 -19.42 -13.24
N VAL R 12 21.52 -19.89 -12.00
CA VAL R 12 20.83 -21.15 -11.70
C VAL R 12 19.33 -21.05 -11.92
N GLU R 13 18.78 -19.85 -11.75
CA GLU R 13 17.38 -19.63 -12.06
C GLU R 13 17.17 -19.74 -13.57
N ALA R 14 18.07 -19.12 -14.35
CA ALA R 14 18.04 -19.21 -15.80
C ALA R 14 18.19 -20.65 -16.27
N LEU R 15 19.16 -21.36 -15.68
CA LEU R 15 19.39 -22.76 -15.99
C LEU R 15 18.16 -23.60 -15.71
N TYR R 16 17.55 -23.35 -14.56
CA TYR R 16 16.32 -24.04 -14.19
C TYR R 16 15.25 -23.84 -15.28
N LEU R 17 15.11 -22.62 -15.76
CA LEU R 17 14.13 -22.30 -16.80
C LEU R 17 14.49 -22.88 -18.17
N VAL R 18 15.75 -22.74 -18.55
CA VAL R 18 16.22 -23.22 -19.86
C VAL R 18 16.22 -24.75 -19.93
N CYS R 19 16.70 -25.40 -18.88
CA CYS R 19 16.89 -26.84 -18.90
C CYS R 19 15.61 -27.65 -18.70
N GLY R 20 14.68 -27.12 -17.91
CA GLY R 20 13.40 -27.80 -17.68
C GLY R 20 13.54 -29.20 -17.12
N GLU R 21 12.90 -30.17 -17.76
CA GLU R 21 12.89 -31.57 -17.30
C GLU R 21 14.26 -32.22 -17.26
N ARG R 22 15.14 -31.83 -18.18
CA ARG R 22 16.51 -32.34 -18.22
C ARG R 22 17.28 -32.05 -16.93
N GLY R 23 16.97 -30.93 -16.28
CA GLY R 23 17.75 -30.47 -15.14
C GLY R 23 19.12 -30.04 -15.61
N PHE R 24 20.01 -29.77 -14.66
CA PHE R 24 21.31 -29.21 -14.98
C PHE R 24 22.34 -29.46 -13.92
N PHE R 25 23.58 -29.17 -14.27
CA PHE R 25 24.71 -29.27 -13.36
C PHE R 25 25.34 -27.89 -13.21
N TYR R 26 25.51 -27.46 -11.96
CA TYR R 26 26.05 -26.15 -11.66
C TYR R 26 27.25 -26.23 -10.72
N THR R 27 28.35 -25.62 -11.12
CA THR R 27 29.52 -25.43 -10.25
C THR R 27 30.15 -24.06 -10.52
N PRO R 28 30.55 -23.34 -9.45
CA PRO R 28 31.32 -22.11 -9.63
C PRO R 28 32.83 -22.38 -9.66
N GLY S 1 14.95 5.26 -20.82
CA GLY S 1 13.77 4.60 -20.21
C GLY S 1 14.04 4.03 -18.83
N ILE S 2 13.42 2.90 -18.53
CA ILE S 2 13.51 2.28 -17.20
C ILE S 2 14.93 1.90 -16.80
N VAL S 3 15.70 1.38 -17.74
CA VAL S 3 17.06 0.89 -17.45
C VAL S 3 18.00 2.06 -17.14
N GLU S 4 17.93 3.10 -17.97
CA GLU S 4 18.77 4.29 -17.77
C GLU S 4 18.45 4.99 -16.46
N GLN S 5 17.16 5.03 -16.11
CA GLN S 5 16.68 5.72 -14.93
C GLN S 5 16.90 4.91 -13.65
N CYS S 6 16.48 3.65 -13.65
CA CYS S 6 16.35 2.88 -12.41
C CYS S 6 17.47 1.88 -12.11
N CYS S 7 18.37 1.65 -13.06
CA CYS S 7 19.55 0.83 -12.79
C CYS S 7 20.77 1.67 -12.41
N THR S 8 20.74 2.96 -12.73
CA THR S 8 21.80 3.88 -12.33
C THR S 8 21.56 4.37 -10.91
N SER S 9 20.38 4.96 -10.69
CA SER S 9 19.96 5.37 -9.35
C SER S 9 18.69 4.63 -8.94
N ILE S 10 18.53 4.42 -7.64
CA ILE S 10 17.39 3.67 -7.11
C ILE S 10 16.10 4.45 -7.32
N CYS S 11 15.21 3.91 -8.14
CA CYS S 11 13.89 4.50 -8.34
C CYS S 11 12.99 4.18 -7.15
N SER S 12 12.13 5.13 -6.80
CA SER S 12 11.11 4.89 -5.78
C SER S 12 9.99 4.06 -6.40
N LEU S 13 9.16 3.47 -5.54
CA LEU S 13 7.97 2.75 -5.99
C LEU S 13 7.07 3.67 -6.82
N TYR S 14 7.09 4.96 -6.48
CA TYR S 14 6.22 5.95 -7.11
C TYR S 14 6.71 6.28 -8.51
N GLN S 15 8.03 6.31 -8.71
CA GLN S 15 8.60 6.45 -10.05
C GLN S 15 8.38 5.19 -10.90
N LEU S 16 8.37 4.02 -10.26
CA LEU S 16 8.11 2.77 -10.98
C LEU S 16 6.67 2.64 -11.45
N GLU S 17 5.75 3.41 -10.84
CA GLU S 17 4.36 3.46 -11.31
C GLU S 17 4.21 3.99 -12.73
N ASN S 18 5.17 4.80 -13.17
CA ASN S 18 5.16 5.33 -14.54
C ASN S 18 5.12 4.24 -15.61
N TYR S 19 5.56 3.02 -15.25
CA TYR S 19 5.61 1.91 -16.20
C TYR S 19 4.46 0.88 -16.06
N CYS S 20 3.53 1.12 -15.14
CA CYS S 20 2.27 0.34 -15.13
C CYS S 20 1.43 0.85 -16.28
N ASN S 21 0.58 -0.01 -16.84
CA ASN S 21 -0.28 0.39 -17.96
C ASN S 21 -1.77 0.31 -17.59
N VAL T 2 26.48 -7.65 -17.98
CA VAL T 2 25.71 -8.56 -17.08
C VAL T 2 25.02 -7.78 -15.97
N ASN T 3 25.74 -6.87 -15.32
CA ASN T 3 25.19 -6.02 -14.25
C ASN T 3 23.80 -5.43 -14.58
N GLN T 4 23.65 -4.93 -15.81
CA GLN T 4 22.39 -4.36 -16.28
C GLN T 4 21.29 -5.42 -16.40
N HIS T 5 21.64 -6.58 -16.94
CA HIS T 5 20.70 -7.69 -17.06
C HIS T 5 20.20 -8.12 -15.67
N LEU T 6 21.10 -8.13 -14.69
CA LEU T 6 20.73 -8.51 -13.34
C LEU T 6 19.75 -7.50 -12.76
N CYS T 7 19.98 -6.21 -13.02
CA CYS T 7 19.10 -5.17 -12.52
C CYS T 7 17.68 -5.30 -13.08
N GLY T 8 17.58 -5.52 -14.39
CA GLY T 8 16.29 -5.66 -15.05
C GLY T 8 15.45 -6.77 -14.47
N SER T 9 16.10 -7.85 -14.07
CA SER T 9 15.43 -8.97 -13.40
C SER T 9 14.66 -8.50 -12.16
N HIS T 10 15.33 -7.73 -11.31
CA HIS T 10 14.70 -7.18 -10.13
C HIS T 10 13.61 -6.15 -10.45
N LEU T 11 13.82 -5.39 -11.53
CA LEU T 11 12.86 -4.37 -11.93
C LEU T 11 11.51 -4.94 -12.33
N VAL T 12 11.52 -6.02 -13.10
CA VAL T 12 10.26 -6.63 -13.52
C VAL T 12 9.50 -7.23 -12.34
N GLU T 13 10.21 -7.70 -11.31
CA GLU T 13 9.55 -8.14 -10.07
C GLU T 13 8.95 -6.96 -9.31
N ALA T 14 9.68 -5.86 -9.26
CA ALA T 14 9.18 -4.64 -8.65
C ALA T 14 7.92 -4.16 -9.36
N LEU T 15 7.95 -4.18 -10.69
CA LEU T 15 6.81 -3.79 -11.50
C LEU T 15 5.65 -4.76 -11.35
N TYR T 16 5.94 -6.06 -11.26
CA TYR T 16 4.90 -7.03 -11.00
C TYR T 16 4.16 -6.67 -9.72
N LEU T 17 4.91 -6.43 -8.65
CA LEU T 17 4.31 -6.12 -7.35
C LEU T 17 3.61 -4.76 -7.34
N VAL T 18 4.34 -3.72 -7.77
CA VAL T 18 3.83 -2.35 -7.74
C VAL T 18 2.54 -2.16 -8.53
N CYS T 19 2.45 -2.77 -9.70
CA CYS T 19 1.38 -2.50 -10.66
C CYS T 19 0.11 -3.30 -10.46
N GLY T 20 0.21 -4.51 -9.93
CA GLY T 20 -0.95 -5.32 -9.59
C GLY T 20 -1.76 -5.77 -10.81
N GLU T 21 -3.09 -5.74 -10.67
CA GLU T 21 -4.00 -6.13 -11.74
C GLU T 21 -3.81 -5.29 -13.01
N ARG T 22 -3.38 -4.06 -12.83
CA ARG T 22 -3.13 -3.14 -13.94
C ARG T 22 -2.07 -3.69 -14.91
N GLY T 23 -1.09 -4.40 -14.37
CA GLY T 23 0.01 -4.93 -15.18
C GLY T 23 1.00 -3.85 -15.56
N PHE T 24 1.98 -4.20 -16.39
CA PHE T 24 3.03 -3.26 -16.74
C PHE T 24 3.62 -3.54 -18.11
N PHE T 25 4.49 -2.64 -18.55
CA PHE T 25 5.29 -2.87 -19.75
C PHE T 25 6.76 -2.74 -19.37
N TYR T 26 7.57 -3.66 -19.87
CA TYR T 26 9.01 -3.60 -19.66
C TYR T 26 9.68 -3.53 -21.02
N THR T 27 10.34 -2.40 -21.28
CA THR T 27 11.11 -2.25 -22.51
C THR T 27 12.48 -1.66 -22.17
N PRO T 28 13.53 -2.50 -22.25
CA PRO T 28 14.91 -2.09 -21.96
C PRO T 28 15.39 -0.87 -22.74
N LYS T 29 15.11 -0.86 -24.04
CA LYS T 29 15.63 0.17 -24.94
C LYS T 29 14.86 1.47 -24.76
N GLY U 1 -1.45 -13.11 11.88
CA GLY U 1 -0.15 -12.56 11.40
C GLY U 1 -0.09 -12.43 9.89
N ILE U 2 1.10 -12.16 9.36
CA ILE U 2 1.26 -11.91 7.92
C ILE U 2 0.93 -13.13 7.07
N VAL U 3 1.32 -14.31 7.50
CA VAL U 3 1.07 -15.54 6.75
C VAL U 3 -0.43 -15.76 6.61
N GLU U 4 -1.13 -15.72 7.73
CA GLU U 4 -2.58 -15.97 7.75
C GLU U 4 -3.32 -15.01 6.84
N GLN U 5 -2.89 -13.75 6.86
CA GLN U 5 -3.59 -12.68 6.15
CA GLN U 5 -3.59 -12.68 6.13
C GLN U 5 -3.19 -12.60 4.67
N CYS U 6 -1.92 -12.87 4.37
CA CYS U 6 -1.39 -12.67 3.01
C CYS U 6 -1.10 -13.92 2.18
N CYS U 7 -1.08 -15.10 2.78
CA CYS U 7 -0.90 -16.34 2.01
C CYS U 7 -2.21 -17.05 1.67
N THR U 8 -3.29 -16.69 2.35
CA THR U 8 -4.61 -17.21 2.03
C THR U 8 -5.29 -16.32 0.99
N SER U 9 -5.12 -15.01 1.15
CA SER U 9 -5.64 -14.04 0.20
C SER U 9 -4.55 -13.04 -0.16
N ILE U 10 -4.66 -12.45 -1.36
CA ILE U 10 -3.63 -11.58 -1.90
C ILE U 10 -3.61 -10.23 -1.18
N CYS U 11 -2.47 -9.91 -0.58
CA CYS U 11 -2.29 -8.64 0.11
C CYS U 11 -1.80 -7.57 -0.86
N SER U 12 -2.28 -6.35 -0.69
CA SER U 12 -1.79 -5.23 -1.48
C SER U 12 -0.49 -4.70 -0.84
N LEU U 13 0.24 -3.91 -1.60
CA LEU U 13 1.47 -3.27 -1.11
C LEU U 13 1.17 -2.39 0.11
N TYR U 14 0.01 -1.75 0.08
CA TYR U 14 -0.49 -0.98 1.23
C TYR U 14 -0.52 -1.84 2.48
N GLN U 15 -1.19 -2.99 2.38
CA GLN U 15 -1.44 -3.83 3.55
C GLN U 15 -0.13 -4.39 4.11
N LEU U 16 0.83 -4.67 3.23
CA LEU U 16 2.15 -5.15 3.64
C LEU U 16 2.97 -4.08 4.36
N GLU U 17 2.74 -2.81 4.02
CA GLU U 17 3.46 -1.69 4.64
C GLU U 17 3.17 -1.56 6.15
N ASN U 18 2.04 -2.11 6.60
CA ASN U 18 1.73 -2.17 8.04
C ASN U 18 2.79 -2.97 8.80
N TYR U 19 3.38 -3.96 8.14
CA TYR U 19 4.39 -4.81 8.76
C TYR U 19 5.80 -4.24 8.67
N CYS U 20 5.94 -3.05 8.10
CA CYS U 20 7.24 -2.38 8.07
C CYS U 20 7.56 -1.75 9.41
N ASN U 21 8.84 -1.58 9.67
CA ASN U 21 9.30 -0.84 10.84
C ASN U 21 9.39 0.64 10.51
N ASN V 3 1.21 -23.83 -0.27
CA ASN V 3 2.48 -23.98 0.50
C ASN V 3 2.89 -22.65 1.13
N GLN V 4 2.96 -22.64 2.46
CA GLN V 4 3.30 -21.45 3.22
C GLN V 4 4.78 -21.07 3.08
N HIS V 5 5.66 -22.06 2.92
CA HIS V 5 7.09 -21.77 2.77
C HIS V 5 7.34 -20.96 1.48
N LEU V 6 6.67 -21.36 0.40
CA LEU V 6 6.84 -20.69 -0.88
C LEU V 6 6.26 -19.28 -0.85
N CYS V 7 5.02 -19.15 -0.39
CA CYS V 7 4.38 -17.85 -0.23
C CYS V 7 5.25 -16.87 0.56
N GLY V 8 5.82 -17.35 1.66
CA GLY V 8 6.67 -16.54 2.53
C GLY V 8 7.92 -16.03 1.83
N SER V 9 8.47 -16.82 0.92
CA SER V 9 9.62 -16.38 0.12
C SER V 9 9.26 -15.08 -0.62
N HIS V 10 8.06 -15.04 -1.19
CA HIS V 10 7.58 -13.88 -1.92
C HIS V 10 7.19 -12.71 -1.03
N LEU V 11 6.64 -13.00 0.16
CA LEU V 11 6.31 -11.95 1.13
C LEU V 11 7.52 -11.15 1.57
N VAL V 12 8.60 -11.82 1.94
CA VAL V 12 9.79 -11.12 2.44
C VAL V 12 10.40 -10.27 1.34
N GLU V 13 10.30 -10.73 0.10
CA GLU V 13 10.74 -9.94 -1.05
C GLU V 13 9.87 -8.69 -1.22
N ALA V 14 8.55 -8.86 -1.15
CA ALA V 14 7.65 -7.71 -1.18
C ALA V 14 7.92 -6.76 -0.02
N LEU V 15 8.08 -7.30 1.18
CA LEU V 15 8.42 -6.48 2.36
C LEU V 15 9.71 -5.69 2.17
N TYR V 16 10.72 -6.31 1.58
CA TYR V 16 11.99 -5.62 1.33
C TYR V 16 11.77 -4.44 0.39
N LEU V 17 10.94 -4.65 -0.63
CA LEU V 17 10.60 -3.61 -1.59
C LEU V 17 9.80 -2.47 -0.95
N VAL V 18 8.76 -2.84 -0.22
CA VAL V 18 7.81 -1.87 0.35
C VAL V 18 8.39 -1.10 1.53
N CYS V 19 9.12 -1.77 2.40
CA CYS V 19 9.65 -1.14 3.61
C CYS V 19 10.90 -0.32 3.36
N GLY V 20 11.63 -0.66 2.29
CA GLY V 20 12.82 0.09 1.88
C GLY V 20 13.80 0.35 3.00
N GLU V 21 13.99 1.63 3.33
CA GLU V 21 15.00 2.07 4.29
C GLU V 21 14.69 1.59 5.71
N ARG V 22 13.40 1.53 6.03
CA ARG V 22 12.94 1.27 7.40
C ARG V 22 13.06 -0.18 7.84
N GLY V 23 13.29 -1.10 6.91
CA GLY V 23 13.40 -2.51 7.24
C GLY V 23 12.10 -3.08 7.80
N PHE V 24 12.17 -4.31 8.30
CA PHE V 24 10.97 -4.99 8.75
C PHE V 24 11.28 -6.17 9.65
N PHE V 25 10.20 -6.65 10.27
CA PHE V 25 10.20 -7.83 11.10
C PHE V 25 9.42 -8.89 10.35
N TYR V 26 9.98 -10.09 10.24
CA TYR V 26 9.23 -11.20 9.69
C TYR V 26 9.03 -12.28 10.77
N THR V 27 7.81 -12.38 11.27
CA THR V 27 7.45 -13.31 12.33
C THR V 27 6.25 -14.15 11.91
N PRO V 28 6.51 -15.30 11.25
CA PRO V 28 5.41 -16.11 10.71
C PRO V 28 4.53 -16.80 11.77
N LYS V 29 5.04 -17.01 12.98
CA LYS V 29 4.23 -17.59 14.06
C LYS V 29 3.60 -16.50 14.92
N GLY W 1 13.22 -38.20 -6.01
CA GLY W 1 14.20 -37.09 -6.18
C GLY W 1 13.91 -35.93 -5.27
N ILE W 2 14.77 -34.91 -5.31
CA ILE W 2 14.68 -33.76 -4.39
C ILE W 2 13.31 -33.09 -4.39
N VAL W 3 12.68 -33.01 -5.55
CA VAL W 3 11.42 -32.29 -5.70
C VAL W 3 10.32 -33.01 -4.94
N GLU W 4 10.25 -34.34 -5.09
CA GLU W 4 9.23 -35.13 -4.42
C GLU W 4 9.40 -35.07 -2.90
N GLN W 5 10.65 -35.15 -2.45
CA GLN W 5 10.97 -35.01 -1.02
C GLN W 5 10.54 -33.64 -0.52
N CYS W 6 11.18 -32.61 -1.06
CA CYS W 6 11.21 -31.28 -0.44
C CYS W 6 10.10 -30.32 -0.88
N CYS W 7 9.09 -30.82 -1.58
CA CYS W 7 7.90 -30.02 -1.93
C CYS W 7 6.61 -30.52 -1.28
N THR W 8 6.59 -31.77 -0.83
CA THR W 8 5.48 -32.29 -0.03
C THR W 8 5.71 -32.08 1.46
N SER W 9 6.97 -32.04 1.87
CA SER W 9 7.34 -31.67 3.24
C SER W 9 8.65 -30.89 3.27
N ILE W 10 8.75 -29.93 4.18
CA ILE W 10 9.90 -29.04 4.25
C ILE W 10 11.17 -29.80 4.64
N CYS W 11 12.26 -29.51 3.95
CA CYS W 11 13.55 -30.15 4.20
C CYS W 11 14.46 -29.18 4.92
N SER W 12 15.32 -29.70 5.79
CA SER W 12 16.33 -28.88 6.44
C SER W 12 17.45 -28.59 5.46
N LEU W 13 18.30 -27.63 5.80
CA LEU W 13 19.44 -27.29 4.98
C LEU W 13 20.45 -28.43 4.96
N TYR W 14 20.52 -29.19 6.07
CA TYR W 14 21.32 -30.41 6.13
C TYR W 14 20.89 -31.46 5.12
N GLN W 15 19.58 -31.65 4.97
CA GLN W 15 19.05 -32.61 4.00
C GLN W 15 19.33 -32.18 2.56
N LEU W 16 19.25 -30.87 2.31
CA LEU W 16 19.60 -30.31 0.99
C LEU W 16 21.08 -30.48 0.69
N GLU W 17 21.90 -30.45 1.76
CA GLU W 17 23.35 -30.59 1.64
C GLU W 17 23.75 -31.93 0.97
N ASN W 18 22.87 -32.93 1.08
CA ASN W 18 23.08 -34.22 0.42
C ASN W 18 23.18 -34.11 -1.11
N TYR W 19 22.35 -33.25 -1.70
CA TYR W 19 22.32 -33.06 -3.15
C TYR W 19 23.45 -32.17 -3.69
N CYS W 20 24.31 -31.65 -2.82
CA CYS W 20 25.48 -30.90 -3.26
C CYS W 20 26.52 -31.83 -3.87
N ASN W 21 27.45 -31.24 -4.62
CA ASN W 21 28.54 -31.99 -5.24
C ASN W 21 29.70 -32.16 -4.27
N VAL X 2 2.12 -27.56 -12.27
CA VAL X 2 2.86 -26.26 -12.27
C VAL X 2 3.41 -25.92 -10.87
N ASN X 3 2.70 -26.30 -9.82
CA ASN X 3 3.20 -26.07 -8.45
C ASN X 3 4.50 -26.83 -8.14
N GLN X 4 4.69 -28.00 -8.74
CA GLN X 4 5.98 -28.70 -8.71
C GLN X 4 7.08 -27.84 -9.33
N HIS X 5 6.77 -27.25 -10.48
CA HIS X 5 7.72 -26.38 -11.19
C HIS X 5 8.08 -25.13 -10.37
N LEU X 6 7.08 -24.54 -9.71
CA LEU X 6 7.31 -23.35 -8.89
C LEU X 6 8.19 -23.70 -7.70
N CYS X 7 7.84 -24.78 -7.00
CA CYS X 7 8.61 -25.25 -5.86
C CYS X 7 10.06 -25.52 -6.26
N GLY X 8 10.24 -26.17 -7.42
CA GLY X 8 11.56 -26.47 -7.94
C GLY X 8 12.43 -25.25 -8.12
N SER X 9 11.83 -24.14 -8.56
CA SER X 9 12.55 -22.89 -8.71
C SER X 9 13.12 -22.41 -7.38
N HIS X 10 12.31 -22.49 -6.32
CA HIS X 10 12.78 -22.11 -4.99
C HIS X 10 13.81 -23.11 -4.47
N LEU X 11 13.61 -24.39 -4.76
CA LEU X 11 14.55 -25.45 -4.34
C LEU X 11 15.95 -25.23 -4.86
N VAL X 12 16.08 -24.89 -6.14
CA VAL X 12 17.42 -24.69 -6.73
C VAL X 12 18.11 -23.46 -6.14
N GLU X 13 17.37 -22.43 -5.78
CA GLU X 13 17.96 -21.29 -5.07
C GLU X 13 18.45 -21.68 -3.67
N ALA X 14 17.68 -22.56 -3.02
CA ALA X 14 18.07 -23.13 -1.73
C ALA X 14 19.34 -23.95 -1.89
N LEU X 15 19.33 -24.88 -2.85
CA LEU X 15 20.53 -25.66 -3.17
C LEU X 15 21.73 -24.77 -3.48
N TYR X 16 21.51 -23.72 -4.26
CA TYR X 16 22.58 -22.78 -4.61
C TYR X 16 23.20 -22.19 -3.34
N LEU X 17 22.35 -21.74 -2.43
CA LEU X 17 22.80 -21.22 -1.14
C LEU X 17 23.51 -22.29 -0.31
N VAL X 18 22.86 -23.44 -0.11
CA VAL X 18 23.39 -24.49 0.76
C VAL X 18 24.73 -25.02 0.27
N CYS X 19 24.83 -25.26 -1.03
CA CYS X 19 26.01 -25.89 -1.60
C CYS X 19 27.15 -24.91 -1.86
N GLY X 20 26.82 -23.63 -1.97
CA GLY X 20 27.81 -22.57 -2.10
C GLY X 20 28.85 -22.82 -3.19
N GLU X 21 30.09 -23.06 -2.77
CA GLU X 21 31.22 -23.17 -3.68
C GLU X 21 31.28 -24.55 -4.35
N ARG X 22 30.82 -25.59 -3.64
CA ARG X 22 30.82 -26.95 -4.16
C ARG X 22 29.97 -27.11 -5.42
N GLY X 23 28.86 -26.38 -5.48
CA GLY X 23 27.93 -26.49 -6.60
C GLY X 23 26.96 -27.64 -6.36
N PHE X 24 26.16 -27.97 -7.37
CA PHE X 24 25.14 -28.99 -7.22
C PHE X 24 24.61 -29.51 -8.56
N PHE X 25 23.88 -30.60 -8.47
CA PHE X 25 23.20 -31.20 -9.60
C PHE X 25 21.71 -31.10 -9.29
N TYR X 26 20.93 -30.70 -10.29
CA TYR X 26 19.49 -30.71 -10.16
C TYR X 26 18.92 -31.65 -11.22
N THR X 27 18.20 -32.65 -10.75
CA THR X 27 17.63 -33.68 -11.60
C THR X 27 16.24 -34.08 -11.08
N PRO X 28 15.19 -33.49 -11.66
CA PRO X 28 13.82 -33.79 -11.19
C PRO X 28 13.37 -35.20 -11.57
C1 CRS Y . -26.49 12.98 12.81
C2 CRS Y . -25.68 11.89 13.09
C3 CRS Y . -24.42 11.78 12.49
C4 CRS Y . -23.98 12.75 11.59
C5 CRS Y . -24.79 13.85 11.31
C6 CRS Y . -26.05 13.97 11.92
C7 CRS Y . -23.56 10.59 12.80
O1 CRS Y . -27.71 13.08 13.41
C1 EDO Z . -24.05 -0.43 15.75
O1 EDO Z . -24.84 0.23 14.74
C2 EDO Z . -23.27 0.60 16.55
O2 EDO Z . -22.62 -0.03 17.66
ZN ZN AA . -17.96 19.20 9.25
S IS8 BA . -19.36 20.68 9.85
C IS8 BA . -20.29 21.99 10.43
N IS8 BA . -20.74 22.95 10.90
C1 CRS CA . 1.69 13.52 7.49
C2 CRS CA . 0.67 13.16 6.61
C3 CRS CA . -0.63 13.56 6.86
C4 CRS CA . -0.94 14.33 7.98
C5 CRS CA . 0.07 14.70 8.85
C6 CRS CA . 1.38 14.30 8.61
C7 CRS CA . -1.71 13.15 5.91
O1 CRS CA . 2.96 13.14 7.25
ZN ZN DA . -8.38 8.52 4.38
C1 EDO EA . -14.14 17.67 5.76
O1 EDO EA . -14.58 16.44 5.18
C2 EDO EA . -13.41 17.35 7.06
O2 EDO EA . -12.07 16.95 6.77
S IS8 FA . -6.94 7.20 3.75
C IS8 FA . -5.72 6.27 3.03
N IS8 FA . -4.99 5.55 2.49
C1 CRS GA . -11.02 -0.19 11.04
C2 CRS GA . -12.36 0.12 11.20
C3 CRS GA . -12.81 1.41 10.93
C4 CRS GA . -11.93 2.39 10.50
C5 CRS GA . -10.58 2.09 10.34
C6 CRS GA . -10.12 0.80 10.61
C7 CRS GA . -14.26 1.72 11.10
O1 CRS GA . -10.58 -1.45 11.31
C1 EDO HA . -8.51 1.31 27.06
O1 EDO HA . -9.11 0.14 26.50
C2 EDO HA . -9.29 2.53 26.60
O2 EDO HA . -10.64 2.43 27.04
C1 EDO IA . -12.32 10.86 7.87
O1 EDO IA . -12.98 12.12 8.06
C2 EDO IA . -11.06 10.78 8.73
O2 EDO IA . -10.39 12.05 8.79
C1 CRS JA . -11.11 7.82 -6.33
C2 CRS JA . -11.45 9.16 -6.44
C3 CRS JA . -11.79 9.89 -5.31
C4 CRS JA . -11.81 9.29 -4.06
C5 CRS JA . -11.47 7.94 -3.94
C6 CRS JA . -11.12 7.20 -5.08
C7 CRS JA . -12.15 11.34 -5.46
O1 CRS JA . -10.77 7.13 -7.46
C1 EDO KA . -22.16 20.93 -4.04
O1 EDO KA . -22.79 19.64 -4.06
C2 EDO KA . -21.90 21.38 -5.47
O2 EDO KA . -21.77 22.81 -5.51
C1 EDO LA . -12.21 13.45 1.35
O1 EDO LA . -13.33 13.80 2.18
C2 EDO LA . -12.69 12.84 0.03
O2 EDO LA . -11.59 12.69 -0.88
C1 CRS MA . -19.68 25.35 -0.42
C2 CRS MA . -19.46 24.42 -1.43
C3 CRS MA . -18.85 23.21 -1.12
C4 CRS MA . -18.44 22.92 0.17
C5 CRS MA . -18.66 23.85 1.19
C6 CRS MA . -19.28 25.06 0.89
C7 CRS MA . -18.63 22.23 -2.23
O1 CRS MA . -20.30 26.51 -0.76
C1 CRS NA . -11.81 24.27 17.29
C2 CRS NA . -10.61 24.11 16.61
C3 CRS NA . -10.47 23.07 15.69
C4 CRS NA . -11.52 22.21 15.44
C5 CRS NA . -12.73 22.36 16.11
C6 CRS NA . -12.87 23.40 17.05
C7 CRS NA . -9.16 22.91 14.98
O1 CRS NA . -11.92 25.28 18.19
C1 CRS OA . 4.84 -21.46 -16.38
C2 CRS OA . 6.18 -21.35 -16.75
C3 CRS OA . 7.07 -20.64 -15.97
C4 CRS OA . 6.63 -20.02 -14.79
C5 CRS OA . 5.30 -20.12 -14.41
C6 CRS OA . 4.41 -20.84 -15.20
C7 CRS OA . 8.51 -20.54 -16.39
O1 CRS OA . 3.98 -22.16 -17.17
ZN ZN PA . 7.59 -18.73 -5.98
S IS8 QA . 5.96 -19.83 -5.97
C IS8 QA . 4.53 -20.66 -5.60
N IS8 QA . 3.60 -21.27 -5.26
C1 CRS RA . 25.99 -12.68 1.20
C2 CRS RA . 25.79 -14.02 1.48
C3 CRS RA . 24.65 -14.67 1.02
C4 CRS RA . 23.69 -13.97 0.28
C5 CRS RA . 23.88 -12.61 0.01
C6 CRS RA . 25.03 -11.97 0.47
C7 CRS RA . 24.47 -16.12 1.33
O1 CRS RA . 27.11 -12.07 1.68
ZN ZN SA . 19.90 -10.13 -8.20
C1 EDO TA . 16.43 -13.54 -5.71
O1 EDO TA . 15.47 -14.40 -5.12
C2 EDO TA . 16.50 -12.24 -4.90
O2 EDO TA . 15.33 -11.48 -5.15
S IS8 UA . 21.53 -8.94 -8.42
C IS8 UA . 22.80 -7.82 -8.59
N IS8 UA . 23.71 -7.12 -8.72
C1 CRS VA . 24.00 -14.55 -17.88
C2 CRS VA . 22.77 -14.84 -18.43
C3 CRS VA . 21.66 -14.98 -17.61
C4 CRS VA . 21.76 -14.82 -16.24
C5 CRS VA . 23.00 -14.53 -15.69
C6 CRS VA . 24.12 -14.40 -16.50
C7 CRS VA . 20.32 -15.30 -18.24
O1 CRS VA . 25.07 -14.44 -18.70
C1 EDO WA . 21.72 -29.73 -24.19
O1 EDO WA . 21.89 -29.04 -25.44
C2 EDO WA . 23.08 -30.02 -23.58
O2 EDO WA . 22.93 -30.12 -22.15
C1 EDO XA . 17.29 -13.63 -14.95
O1 EDO XA . 18.41 -12.84 -14.53
C2 EDO XA . 17.07 -14.77 -13.98
O2 EDO XA . 17.25 -14.30 -12.64
C1 CRS YA . 15.27 0.10 -8.82
C2 CRS YA . 14.20 -0.07 -7.95
C3 CRS YA . 13.78 -1.36 -7.63
C4 CRS YA . 14.42 -2.47 -8.19
C5 CRS YA . 15.49 -2.29 -9.05
C6 CRS YA . 15.91 -1.00 -9.37
C7 CRS YA . 12.63 -1.56 -6.69
O1 CRS YA . 15.67 1.36 -9.13
C1 EDO ZA . 23.36 -2.74 -11.96
O1 EDO ZA . 22.66 -1.62 -11.42
C2 EDO ZA . 23.65 -3.76 -10.86
O2 EDO ZA . 25.02 -3.66 -10.44
C1 CRS AB . 0.81 -11.86 -0.95
C2 CRS AB . 1.26 -10.73 -1.61
C3 CRS AB . 2.57 -10.67 -2.09
C4 CRS AB . 3.44 -11.75 -1.90
C5 CRS AB . 2.99 -12.89 -1.23
C6 CRS AB . 1.67 -12.94 -0.76
C7 CRS AB . 3.04 -9.44 -2.81
O1 CRS AB . -0.47 -11.90 -0.49
C1 CRS BB . 12.18 -26.97 0.94
C2 CRS BB . 11.67 -26.22 -0.11
C3 CRS BB . 12.29 -25.02 -0.45
C4 CRS BB . 13.41 -24.58 0.24
C5 CRS BB . 13.92 -25.33 1.29
C6 CRS BB . 13.31 -26.54 1.65
C7 CRS BB . 11.74 -24.21 -1.58
O1 CRS BB . 11.57 -28.15 1.28
#